data_8U53
#
_entry.id   8U53
#
loop_
_entity.id
_entity.type
_entity.pdbx_description
1 polymer 'CSC1-like protein ERD4'
2 non-polymer 1-PALMITOYL-2-LINOLEOYL-SN-GLYCERO-3-PHOSPHOCHOLINE
3 non-polymer '[(2R)-3-[2-azanylethoxy(oxidanyl)phosphoryl]oxy-2-oxidanyl-propyl] octadecanoate'
4 non-polymer 'PALMITIC ACID'
#
_entity_poly.entity_id   1
_entity_poly.type   'polypeptide(L)'
_entity_poly.pdbx_seq_one_letter_code
;MEFGSFLVSLGTSFVIFVILMLLFTWLSRKSGNAPIYYPNRILKGLEPWEGTSLTRNPFAWMREALTSSEQDVVNLSGVD
TAVHFVFLSTVLGIFACSSLLLLPTLLPLAATDNNIKNTKNATDTTSKGTFSQLDNLSMANITKKSSRLWAFLGAVYWIS
LVTYFFLWKAYKHVSSLRAQALMSADVKPEQFAILVRDMPAPPDGQTQKEFIDSYFREIYPETFYRSLVATEN(UNK)
(UNK)(UNK)(UNK)(UNK)(UNK)(UNK)(UNK)(UNK)(UNK)(UNK)(UNK)(UNK)KKKLARAEAILAATNNRPTN
KTGFCGLVGKQVD(UNK)(UNK)(UNK)(UNK)(UNK)(UNK)(UNK)(UNK)(UNK)(UNK)(UNK)(UNK)(UNK)
(UNK)(UNK)(UNK)(UNK)(UNK)(UNK)(UNK)(UNK)(UNK)(UNK)(UNK)AEKQQTAAVVFFTTRVAAASAAQSL
HCQMVDKWTVTEAPEPRQLLWQNLNIKLFSRIIRQYFIYFFVAVTILFYMIPIAFVSAITTLKNLQRIIPFIKPVVEITA
IRTVLESFLPQIALIVFLAMLPKLLLFLSKAEGIPSQSHAIRAASGKYFYFSVFNVFIGVTLAGTLFNTVKDIAKNPKLD
MIINLLATSLPKSATFFLTYVALKFFIGYGLELSRIIPLIIFHLKKKYLCKTEAEVKEAWYPGDLSYATRVPGDMLILTI
TFCYSVIAPLILIFGITYFGLGWLVLRNQALKVYVPSYESYGRMWPHIHQRILAALFLFQVVMFGYLGAKTFFYTALVIP
LIITSLIFGYVCRQKFYGGFEHTALEVACRELKQSPDLEEIFRAYIPHSLSSHKPEEHEFKGAMSRYQDFNAIAGVGTGT
LEVLFQ
;
_entity_poly.pdbx_strand_id   A,B
#
# COMPACT_ATOMS: atom_id res chain seq x y z
N GLU A 2 33.29 31.29 -3.07
CA GLU A 2 34.45 32.14 -3.32
C GLU A 2 35.71 31.31 -2.97
N PHE A 3 36.74 31.35 -3.85
CA PHE A 3 37.98 30.57 -3.78
C PHE A 3 38.87 30.80 -2.57
N GLY A 4 39.14 32.05 -2.23
CA GLY A 4 39.96 32.34 -1.08
C GLY A 4 39.31 31.77 0.16
N SER A 5 38.03 32.09 0.38
CA SER A 5 37.29 31.59 1.54
C SER A 5 37.23 30.09 1.53
N PHE A 6 37.10 29.48 0.36
CA PHE A 6 37.10 28.04 0.27
C PHE A 6 38.38 27.45 0.81
N LEU A 7 39.53 27.98 0.36
CA LEU A 7 40.79 27.43 0.84
C LEU A 7 40.98 27.68 2.32
N VAL A 8 40.51 28.82 2.83
CA VAL A 8 40.62 29.10 4.24
C VAL A 8 39.84 28.12 5.05
N SER A 9 38.61 27.81 4.63
CA SER A 9 37.82 26.86 5.35
C SER A 9 38.45 25.50 5.28
N LEU A 10 39.01 25.10 4.13
CA LEU A 10 39.63 23.79 4.10
C LEU A 10 40.83 23.75 4.99
N GLY A 11 41.59 24.84 5.00
CA GLY A 11 42.80 24.98 5.78
C GLY A 11 42.49 24.88 7.24
N THR A 12 41.53 25.66 7.71
CA THR A 12 41.17 25.65 9.11
C THR A 12 40.62 24.30 9.52
N SER A 13 39.74 23.72 8.71
CA SER A 13 39.18 22.45 9.05
C SER A 13 40.25 21.39 9.04
N PHE A 14 41.18 21.46 8.09
CA PHE A 14 42.27 20.53 7.99
C PHE A 14 43.19 20.60 9.20
N VAL A 15 43.60 21.79 9.59
CA VAL A 15 44.50 21.92 10.71
C VAL A 15 43.81 21.48 11.97
N ILE A 16 42.55 21.84 12.18
CA ILE A 16 41.85 21.40 13.37
C ILE A 16 41.78 19.90 13.36
N PHE A 17 41.50 19.29 12.21
CA PHE A 17 41.50 17.86 12.09
C PHE A 17 42.82 17.29 12.54
N VAL A 18 43.94 17.83 12.05
CA VAL A 18 45.23 17.29 12.44
C VAL A 18 45.47 17.46 13.93
N ILE A 19 45.10 18.61 14.50
CA ILE A 19 45.30 18.78 15.94
C ILE A 19 44.50 17.77 16.68
N LEU A 20 43.25 17.58 16.30
CA LEU A 20 42.41 16.62 16.99
C LEU A 20 42.97 15.23 16.79
N MET A 21 43.57 14.93 15.63
CA MET A 21 44.19 13.63 15.40
C MET A 21 45.41 13.42 16.28
N LEU A 22 46.13 14.49 16.59
CA LEU A 22 47.29 14.36 17.44
C LEU A 22 46.85 14.23 18.87
N LEU A 23 45.78 14.95 19.27
CA LEU A 23 45.29 14.82 20.62
C LEU A 23 44.77 13.43 20.79
N PHE A 24 44.10 12.90 19.79
CA PHE A 24 43.63 11.54 19.83
C PHE A 24 44.78 10.58 19.98
N THR A 25 45.80 10.71 19.15
CA THR A 25 46.92 9.79 19.23
C THR A 25 47.56 9.81 20.61
N TRP A 26 47.75 10.99 21.16
CA TRP A 26 48.34 11.15 22.47
C TRP A 26 47.43 10.68 23.61
N LEU A 27 46.24 11.22 23.68
CA LEU A 27 45.31 10.96 24.75
C LEU A 27 44.78 9.55 24.77
N SER A 28 44.60 8.93 23.61
CA SER A 28 44.05 7.59 23.56
C SER A 28 45.04 6.56 24.05
N ARG A 29 46.30 6.93 24.22
CA ARG A 29 47.27 5.98 24.69
C ARG A 29 47.49 6.13 26.21
N LYS A 30 46.76 7.06 26.82
CA LYS A 30 46.82 7.27 28.26
C LYS A 30 45.74 6.46 28.92
N SER A 31 46.10 5.69 29.94
CA SER A 31 45.14 4.83 30.60
C SER A 31 44.00 5.53 31.30
N GLY A 32 44.22 6.76 31.73
CA GLY A 32 43.18 7.49 32.44
C GLY A 32 42.02 7.90 31.55
N ASN A 33 42.21 7.85 30.25
CA ASN A 33 41.15 8.27 29.36
C ASN A 33 40.46 7.05 28.76
N ALA A 34 40.80 5.86 29.23
CA ALA A 34 40.18 4.68 28.66
C ALA A 34 38.64 4.72 28.72
N PRO A 35 37.96 5.22 29.77
CA PRO A 35 36.52 5.31 29.85
C PRO A 35 35.91 6.16 28.73
N ILE A 36 36.71 6.98 28.07
CA ILE A 36 36.27 7.82 26.99
C ILE A 36 36.62 7.22 25.65
N TYR A 37 37.82 6.67 25.50
CA TYR A 37 38.22 6.16 24.20
C TYR A 37 37.86 4.73 23.92
N TYR A 38 37.70 3.90 24.93
CA TYR A 38 37.36 2.51 24.70
C TYR A 38 36.22 2.03 25.60
N PRO A 39 35.11 2.75 25.81
CA PRO A 39 34.03 2.36 26.67
C PRO A 39 33.26 1.16 26.20
N ASN A 40 33.29 0.82 24.92
CA ASN A 40 32.52 -0.33 24.51
C ASN A 40 33.26 -1.56 24.96
N ARG A 41 34.56 -1.49 24.89
CA ARG A 41 35.37 -2.61 25.27
C ARG A 41 35.36 -2.71 26.78
N ILE A 42 35.32 -1.58 27.47
CA ILE A 42 35.30 -1.66 28.92
C ILE A 42 34.01 -2.29 29.40
N LEU A 43 32.88 -1.86 28.86
CA LEU A 43 31.59 -2.37 29.26
C LEU A 43 31.44 -3.84 28.94
N LYS A 44 32.10 -4.32 27.88
CA LYS A 44 32.05 -5.72 27.50
C LYS A 44 33.10 -6.58 28.19
N GLY A 45 33.93 -6.00 29.06
CA GLY A 45 34.94 -6.75 29.79
C GLY A 45 36.21 -7.07 29.01
N LEU A 46 36.51 -6.27 28.00
CA LEU A 46 37.67 -6.45 27.17
C LEU A 46 38.75 -5.47 27.54
N GLU A 47 39.99 -5.81 27.26
CA GLU A 47 41.05 -4.86 27.49
C GLU A 47 40.86 -3.73 26.51
N PRO A 48 41.18 -2.48 26.84
CA PRO A 48 41.08 -1.35 25.92
C PRO A 48 41.69 -1.65 24.56
N TRP A 49 42.80 -2.37 24.51
CA TRP A 49 43.40 -2.75 23.25
C TRP A 49 44.19 -4.05 23.39
N GLU A 50 44.33 -4.78 22.29
CA GLU A 50 44.95 -6.11 22.26
C GLU A 50 46.46 -6.20 22.08
N GLY A 51 47.13 -5.09 21.94
CA GLY A 51 48.57 -5.18 21.71
C GLY A 51 49.35 -5.86 22.85
N THR A 52 48.95 -5.61 24.11
CA THR A 52 49.52 -6.13 25.39
C THR A 52 50.92 -5.64 25.76
N SER A 53 51.65 -5.09 24.78
CA SER A 53 53.02 -4.60 24.93
C SER A 53 53.11 -3.30 25.70
N LEU A 54 51.98 -2.63 25.79
CA LEU A 54 51.81 -1.31 26.39
C LEU A 54 52.55 -0.21 25.63
N THR A 55 52.93 -0.50 24.37
CA THR A 55 53.57 0.45 23.49
C THR A 55 52.81 0.45 22.17
N ARG A 56 51.69 1.16 22.13
CA ARG A 56 50.82 1.13 20.96
C ARG A 56 51.35 2.02 19.87
N ASN A 57 51.37 1.47 18.67
CA ASN A 57 51.76 2.18 17.47
C ASN A 57 50.68 3.22 17.22
N PRO A 58 50.98 4.47 16.88
CA PRO A 58 50.00 5.50 16.63
C PRO A 58 49.02 5.17 15.50
N PHE A 59 49.39 4.27 14.59
CA PHE A 59 48.50 3.94 13.51
C PHE A 59 47.87 2.59 13.69
N ALA A 60 48.01 2.04 14.88
CA ALA A 60 47.47 0.72 15.16
C ALA A 60 45.99 0.70 14.99
N TRP A 61 45.32 1.79 15.33
CA TRP A 61 43.89 1.81 15.25
C TRP A 61 43.42 1.73 13.82
N MET A 62 44.23 2.20 12.85
CA MET A 62 43.78 2.16 11.49
C MET A 62 43.87 0.76 11.02
N ARG A 63 44.94 0.07 11.39
CA ARG A 63 45.08 -1.30 10.94
C ARG A 63 43.96 -2.16 11.52
N GLU A 64 43.61 -1.93 12.78
CA GLU A 64 42.57 -2.71 13.42
C GLU A 64 41.21 -2.43 12.81
N ALA A 65 40.91 -1.17 12.49
CA ALA A 65 39.64 -0.85 11.88
C ALA A 65 39.55 -1.44 10.49
N LEU A 66 40.65 -1.44 9.75
CA LEU A 66 40.63 -1.95 8.41
C LEU A 66 40.56 -3.43 8.32
N THR A 67 41.26 -4.17 9.17
CA THR A 67 41.23 -5.63 9.07
C THR A 67 40.17 -6.20 9.98
N SER A 68 38.96 -5.73 9.80
CA SER A 68 37.81 -6.13 10.57
C SER A 68 36.66 -6.36 9.63
N SER A 69 36.13 -7.55 9.63
CA SER A 69 35.08 -7.89 8.68
C SER A 69 33.71 -7.48 9.14
N GLU A 70 32.75 -7.49 8.23
CA GLU A 70 31.37 -7.19 8.59
C GLU A 70 30.90 -8.10 9.70
N GLN A 71 31.32 -9.34 9.66
CA GLN A 71 30.92 -10.31 10.65
C GLN A 71 31.42 -9.92 12.03
N ASP A 72 32.56 -9.24 12.12
CA ASP A 72 33.11 -8.88 13.41
C ASP A 72 32.33 -7.70 13.94
N VAL A 73 31.87 -6.86 13.03
CA VAL A 73 31.06 -5.73 13.44
C VAL A 73 29.74 -6.23 13.97
N VAL A 74 29.13 -7.22 13.30
CA VAL A 74 27.86 -7.73 13.80
C VAL A 74 28.05 -8.43 15.12
N ASN A 75 29.07 -9.27 15.21
CA ASN A 75 29.26 -10.03 16.42
C ASN A 75 29.48 -9.14 17.63
N LEU A 76 30.15 -8.02 17.43
CA LEU A 76 30.42 -7.14 18.54
C LEU A 76 29.34 -6.09 18.80
N SER A 77 28.83 -5.44 17.74
CA SER A 77 27.91 -4.32 17.89
C SER A 77 26.50 -4.41 17.26
N GLY A 78 26.08 -5.54 16.69
CA GLY A 78 24.72 -5.64 16.16
C GLY A 78 24.55 -5.53 14.65
N VAL A 79 23.34 -5.84 14.21
CA VAL A 79 23.01 -5.85 12.79
C VAL A 79 22.82 -4.44 12.35
N ASP A 80 22.10 -3.63 13.10
CA ASP A 80 21.93 -2.26 12.65
C ASP A 80 23.26 -1.59 12.45
N THR A 81 24.23 -1.91 13.30
CA THR A 81 25.53 -1.33 13.17
C THR A 81 26.18 -1.78 11.86
N ALA A 82 26.11 -3.07 11.56
CA ALA A 82 26.66 -3.58 10.31
C ALA A 82 25.98 -2.98 9.09
N VAL A 83 24.67 -2.75 9.18
CA VAL A 83 23.90 -2.18 8.09
C VAL A 83 24.35 -0.77 7.87
N HIS A 84 24.67 -0.05 8.92
CA HIS A 84 25.16 1.30 8.78
C HIS A 84 26.43 1.25 7.93
N PHE A 85 27.29 0.26 8.17
CA PHE A 85 28.49 0.16 7.35
C PHE A 85 28.18 -0.26 5.92
N VAL A 86 27.12 -1.03 5.70
CA VAL A 86 26.75 -1.35 4.33
C VAL A 86 26.38 -0.08 3.66
N PHE A 87 25.62 0.76 4.32
CA PHE A 87 25.26 2.03 3.76
C PHE A 87 26.48 2.84 3.37
N LEU A 88 27.43 2.98 4.27
CA LEU A 88 28.59 3.81 3.96
C LEU A 88 29.44 3.26 2.81
N SER A 89 29.63 1.93 2.75
CA SER A 89 30.44 1.36 1.70
C SER A 89 29.71 1.25 0.38
N THR A 90 28.38 1.14 0.40
CA THR A 90 27.62 1.08 -0.84
C THR A 90 27.81 2.39 -1.54
N VAL A 91 27.69 3.47 -0.78
CA VAL A 91 27.83 4.79 -1.31
C VAL A 91 29.23 5.05 -1.82
N LEU A 92 30.23 4.62 -1.06
CA LEU A 92 31.61 4.81 -1.46
C LEU A 92 31.89 4.09 -2.77
N GLY A 93 31.38 2.88 -2.92
CA GLY A 93 31.58 2.11 -4.14
C GLY A 93 30.96 2.81 -5.31
N ILE A 94 29.77 3.38 -5.13
CA ILE A 94 29.09 4.07 -6.21
C ILE A 94 29.84 5.30 -6.64
N PHE A 95 30.30 6.11 -5.69
CA PHE A 95 31.00 7.33 -6.05
C PHE A 95 32.39 7.05 -6.62
N ALA A 96 33.09 6.05 -6.10
CA ALA A 96 34.38 5.74 -6.65
C ALA A 96 34.25 5.29 -8.09
N CYS A 97 33.21 4.52 -8.39
CA CYS A 97 33.02 4.06 -9.76
C CYS A 97 32.70 5.24 -10.67
N SER A 98 31.90 6.16 -10.17
CA SER A 98 31.55 7.34 -10.91
C SER A 98 32.80 8.17 -11.25
N SER A 99 33.72 8.33 -10.28
CA SER A 99 34.91 9.13 -10.52
C SER A 99 35.89 8.46 -11.48
N LEU A 100 35.82 7.14 -11.63
CA LEU A 100 36.69 6.48 -12.59
C LEU A 100 36.32 6.96 -13.98
N LEU A 101 35.02 7.08 -14.25
CA LEU A 101 34.61 7.65 -15.56
C LEU A 101 34.89 9.16 -15.66
N LEU A 102 34.56 9.90 -14.59
CA LEU A 102 34.73 11.33 -14.43
C LEU A 102 36.12 11.54 -13.80
N GLY A 154 25.41 11.69 -20.40
CA GLY A 154 26.21 10.52 -20.71
C GLY A 154 26.67 9.82 -19.42
N ALA A 155 27.37 10.57 -18.54
CA ALA A 155 27.87 10.12 -17.23
C ALA A 155 26.69 9.84 -16.32
N VAL A 156 25.56 10.41 -16.68
CA VAL A 156 24.31 10.27 -15.99
C VAL A 156 23.88 8.82 -16.04
N TYR A 157 24.09 8.18 -17.19
CA TYR A 157 23.69 6.81 -17.39
C TYR A 157 24.66 5.93 -16.69
N TRP A 158 25.94 6.30 -16.74
CA TRP A 158 26.94 5.54 -16.03
C TRP A 158 26.63 5.51 -14.56
N ILE A 159 26.37 6.68 -13.97
CA ILE A 159 26.08 6.78 -12.57
C ILE A 159 24.81 6.06 -12.24
N SER A 160 23.76 6.23 -13.04
CA SER A 160 22.53 5.57 -12.71
C SER A 160 22.72 4.08 -12.77
N LEU A 161 23.45 3.55 -13.75
CA LEU A 161 23.65 2.12 -13.83
C LEU A 161 24.47 1.59 -12.69
N VAL A 162 25.50 2.32 -12.29
CA VAL A 162 26.32 1.89 -11.18
C VAL A 162 25.48 1.91 -9.94
N THR A 163 24.67 2.95 -9.77
CA THR A 163 23.84 3.08 -8.60
C THR A 163 22.82 1.97 -8.56
N TYR A 164 22.20 1.62 -9.68
CA TYR A 164 21.21 0.56 -9.69
C TYR A 164 21.89 -0.74 -9.39
N PHE A 165 23.08 -0.94 -9.94
CA PHE A 165 23.87 -2.14 -9.75
C PHE A 165 24.20 -2.35 -8.28
N PHE A 166 24.71 -1.32 -7.63
CA PHE A 166 25.03 -1.40 -6.22
C PHE A 166 23.81 -1.45 -5.36
N LEU A 167 22.74 -0.72 -5.66
CA LEU A 167 21.58 -0.82 -4.80
C LEU A 167 20.99 -2.20 -4.91
N TRP A 168 20.98 -2.79 -6.10
CA TRP A 168 20.44 -4.10 -6.26
C TRP A 168 21.21 -5.07 -5.41
N LYS A 169 22.54 -5.03 -5.51
CA LYS A 169 23.39 -5.96 -4.80
C LYS A 169 23.45 -5.69 -3.32
N ALA A 170 23.35 -4.42 -2.92
CA ALA A 170 23.36 -4.05 -1.51
C ALA A 170 22.08 -4.47 -0.86
N TYR A 171 20.96 -4.34 -1.56
CA TYR A 171 19.68 -4.69 -0.99
C TYR A 171 19.68 -6.19 -0.86
N LYS A 172 20.22 -6.87 -1.86
CA LYS A 172 20.33 -8.31 -1.82
C LYS A 172 21.22 -8.77 -0.65
N HIS A 173 22.34 -8.08 -0.45
CA HIS A 173 23.28 -8.38 0.63
C HIS A 173 22.66 -8.18 1.99
N VAL A 174 21.99 -7.06 2.19
CA VAL A 174 21.38 -6.79 3.47
C VAL A 174 20.27 -7.77 3.70
N SER A 175 19.49 -8.09 2.68
CA SER A 175 18.41 -9.02 2.90
C SER A 175 18.99 -10.34 3.40
N SER A 176 20.13 -10.76 2.84
CA SER A 176 20.80 -11.99 3.28
C SER A 176 21.34 -11.86 4.70
N LEU A 177 21.96 -10.73 5.02
CA LEU A 177 22.53 -10.44 6.32
C LEU A 177 21.47 -10.47 7.39
N ARG A 178 20.34 -9.86 7.08
CA ARG A 178 19.24 -9.80 7.98
C ARG A 178 18.66 -11.16 8.17
N ALA A 179 18.48 -11.90 7.10
CA ALA A 179 17.91 -13.20 7.25
C ALA A 179 18.78 -14.06 8.12
N GLN A 180 20.10 -13.96 7.97
CA GLN A 180 20.99 -14.77 8.78
C GLN A 180 20.97 -14.34 10.23
N ALA A 181 20.87 -13.04 10.49
CA ALA A 181 20.80 -12.52 11.82
C ALA A 181 19.57 -12.98 12.54
N LEU A 182 18.47 -13.06 11.81
CA LEU A 182 17.25 -13.52 12.41
C LEU A 182 17.34 -15.02 12.61
N MET A 183 17.97 -15.70 11.67
CA MET A 183 18.04 -17.14 11.69
C MET A 183 18.77 -17.68 12.90
N SER A 184 19.76 -16.94 13.39
CA SER A 184 20.53 -17.40 14.54
C SER A 184 20.13 -16.75 15.85
N ALA A 185 19.07 -15.97 15.83
CA ALA A 185 18.65 -15.22 17.01
C ALA A 185 18.17 -16.11 18.15
N ASP A 186 18.42 -15.62 19.36
CA ASP A 186 18.00 -16.26 20.60
C ASP A 186 16.58 -15.90 20.94
N VAL A 187 16.09 -16.44 22.05
CA VAL A 187 14.73 -16.19 22.47
C VAL A 187 14.59 -14.81 23.03
N LYS A 188 13.65 -14.05 22.51
CA LYS A 188 13.40 -12.69 22.99
C LYS A 188 11.90 -12.45 23.15
N PRO A 189 11.43 -11.69 24.15
CA PRO A 189 10.03 -11.39 24.41
C PRO A 189 9.19 -10.85 23.26
N GLU A 190 9.78 -10.08 22.36
CA GLU A 190 9.04 -9.52 21.24
C GLU A 190 8.74 -10.52 20.16
N GLN A 191 9.32 -11.70 20.26
CA GLN A 191 9.11 -12.72 19.26
C GLN A 191 7.81 -13.43 19.52
N PHE A 192 7.29 -13.27 20.73
CA PHE A 192 6.10 -13.96 21.19
C PHE A 192 4.99 -13.01 21.49
N ALA A 193 4.97 -11.81 20.91
CA ALA A 193 3.92 -10.90 21.33
C ALA A 193 3.44 -9.94 20.27
N ILE A 194 2.21 -9.49 20.46
CA ILE A 194 1.56 -8.52 19.60
C ILE A 194 1.04 -7.34 20.37
N LEU A 195 0.90 -6.25 19.69
CA LEU A 195 0.31 -5.05 20.25
C LEU A 195 -1.12 -4.84 19.75
N VAL A 196 -2.07 -4.79 20.67
CA VAL A 196 -3.47 -4.67 20.33
C VAL A 196 -3.96 -3.28 20.68
N ARG A 197 -4.58 -2.59 19.74
CA ARG A 197 -5.07 -1.24 19.99
C ARG A 197 -6.51 -1.01 19.57
N ASP A 198 -7.06 0.12 19.95
CA ASP A 198 -8.42 0.53 19.59
C ASP A 198 -9.42 -0.47 20.08
N MET A 199 -9.25 -0.91 21.30
CA MET A 199 -10.22 -1.81 21.83
C MET A 199 -11.46 -0.98 22.09
N PRO A 200 -12.67 -1.51 21.94
CA PRO A 200 -13.91 -0.91 22.30
C PRO A 200 -14.05 -0.94 23.79
N ALA A 201 -14.93 -0.12 24.32
CA ALA A 201 -15.22 -0.16 25.72
C ALA A 201 -15.96 -1.44 26.01
N PRO A 202 -15.80 -2.03 27.19
CA PRO A 202 -16.47 -3.20 27.66
C PRO A 202 -17.92 -2.91 27.95
N PRO A 203 -18.79 -3.92 27.98
CA PRO A 203 -20.18 -3.85 28.37
C PRO A 203 -20.25 -3.66 29.87
N ASP A 204 -21.35 -3.12 30.34
CA ASP A 204 -21.48 -2.97 31.78
C ASP A 204 -21.38 -4.32 32.45
N GLY A 205 -20.69 -4.34 33.58
CA GLY A 205 -20.52 -5.55 34.39
C GLY A 205 -19.19 -6.26 34.14
N GLN A 206 -18.47 -5.86 33.10
CA GLN A 206 -17.19 -6.46 32.76
C GLN A 206 -16.12 -5.38 32.67
N THR A 207 -14.89 -5.67 33.09
CA THR A 207 -13.84 -4.65 32.97
C THR A 207 -13.05 -4.77 31.68
N GLN A 208 -12.09 -3.88 31.47
CA GLN A 208 -11.37 -3.86 30.20
C GLN A 208 -10.50 -5.11 30.01
N LYS A 209 -9.92 -5.61 31.08
CA LYS A 209 -9.07 -6.77 30.97
C LYS A 209 -9.85 -7.98 30.61
N GLU A 210 -10.97 -8.16 31.27
CA GLU A 210 -11.78 -9.34 31.04
C GLU A 210 -12.27 -9.36 29.63
N PHE A 211 -12.61 -8.21 29.14
CA PHE A 211 -13.11 -8.04 27.82
C PHE A 211 -12.05 -8.46 26.80
N ILE A 212 -10.79 -7.99 26.94
CA ILE A 212 -9.75 -8.46 26.01
C ILE A 212 -9.39 -9.94 26.14
N ASP A 213 -9.41 -10.48 27.35
CA ASP A 213 -9.10 -11.88 27.47
C ASP A 213 -10.16 -12.67 26.75
N SER A 214 -11.41 -12.25 26.87
CA SER A 214 -12.49 -12.96 26.22
C SER A 214 -12.37 -12.89 24.71
N TYR A 215 -12.09 -11.71 24.17
CA TYR A 215 -11.98 -11.56 22.74
C TYR A 215 -10.90 -12.45 22.12
N PHE A 216 -9.70 -12.46 22.70
CA PHE A 216 -8.63 -13.26 22.14
C PHE A 216 -8.75 -14.71 22.42
N ARG A 217 -9.30 -15.09 23.55
CA ARG A 217 -9.45 -16.51 23.79
C ARG A 217 -10.39 -17.13 22.80
N GLU A 218 -11.42 -16.41 22.38
CA GLU A 218 -12.30 -17.02 21.41
C GLU A 218 -11.59 -17.24 20.08
N ILE A 219 -10.74 -16.29 19.66
CA ILE A 219 -10.01 -16.46 18.40
C ILE A 219 -8.87 -17.47 18.46
N TYR A 220 -8.09 -17.40 19.51
CA TYR A 220 -6.94 -18.23 19.74
C TYR A 220 -7.07 -18.93 21.08
N PRO A 221 -7.95 -19.91 21.24
CA PRO A 221 -8.21 -20.57 22.51
C PRO A 221 -7.06 -21.38 23.09
N GLU A 222 -6.09 -21.83 22.26
CA GLU A 222 -4.98 -22.56 22.83
C GLU A 222 -3.72 -21.71 22.90
N THR A 223 -3.46 -20.96 21.85
CA THR A 223 -2.26 -20.17 21.78
C THR A 223 -2.51 -18.79 22.30
N PHE A 224 -2.83 -18.69 23.57
CA PHE A 224 -3.05 -17.41 24.21
C PHE A 224 -2.53 -17.50 25.61
N TYR A 225 -1.66 -16.58 26.00
CA TYR A 225 -1.07 -16.65 27.31
C TYR A 225 -1.51 -15.53 28.22
N ARG A 226 -1.29 -14.30 27.78
CA ARG A 226 -1.57 -13.13 28.62
C ARG A 226 -1.99 -11.93 27.86
N SER A 227 -2.59 -11.01 28.57
CA SER A 227 -2.91 -9.71 28.05
C SER A 227 -2.62 -8.65 29.10
N LEU A 228 -1.70 -7.76 28.80
CA LEU A 228 -1.28 -6.72 29.70
C LEU A 228 -1.90 -5.42 29.30
N VAL A 229 -2.86 -4.93 30.06
CA VAL A 229 -3.56 -3.73 29.64
C VAL A 229 -2.66 -2.53 29.84
N ALA A 230 -2.59 -1.69 28.83
CA ALA A 230 -1.70 -0.53 28.85
C ALA A 230 -2.22 0.64 29.66
N THR A 231 -2.28 0.48 31.00
CA THR A 231 -2.78 1.46 31.95
C THR A 231 -1.78 2.59 32.14
N UNK A 234 -0.92 6.15 33.49
CA UNK A 234 -0.24 6.12 34.79
C UNK A 234 0.99 7.08 34.83
N UNK A 235 0.93 8.21 34.07
CA UNK A 235 1.98 9.24 33.98
C UNK A 235 2.26 9.90 35.32
N UNK A 236 1.22 10.10 36.11
CA UNK A 236 1.42 10.73 37.41
C UNK A 236 2.24 9.82 38.30
N UNK A 237 1.98 8.50 38.18
CA UNK A 237 2.67 7.55 39.00
C UNK A 237 4.10 7.46 38.58
N UNK A 238 4.34 7.52 37.28
CA UNK A 238 5.69 7.45 36.80
C UNK A 238 6.51 8.63 37.27
N UNK A 239 5.90 9.82 37.23
CA UNK A 239 6.61 11.01 37.61
C UNK A 239 6.90 11.07 39.10
N UNK A 240 5.90 10.69 39.89
CA UNK A 240 6.09 10.71 41.32
C UNK A 240 7.04 9.61 41.75
N UNK A 241 7.00 8.45 41.07
CA UNK A 241 7.87 7.36 41.39
C UNK A 241 9.30 7.75 41.09
N UNK A 242 9.52 8.48 40.00
CA UNK A 242 10.86 8.92 39.67
C UNK A 242 11.38 9.85 40.73
N UNK A 243 10.51 10.74 41.24
CA UNK A 243 10.92 11.64 42.28
C UNK A 243 11.30 10.89 43.54
N UNK A 244 10.54 9.83 43.84
CA UNK A 244 10.81 9.01 45.01
C UNK A 244 12.13 8.28 44.85
N UNK A 245 12.40 7.78 43.64
CA UNK A 245 13.65 7.08 43.37
C UNK A 245 14.88 8.00 43.56
N UNK A 246 14.76 9.29 43.16
CA UNK A 246 15.78 10.33 43.23
C UNK A 246 16.09 10.66 44.70
N UNK A 280 19.58 16.45 57.42
CA UNK A 280 18.73 15.32 57.01
C UNK A 280 17.47 15.77 56.19
N UNK A 281 17.47 17.02 55.66
CA UNK A 281 16.38 17.60 54.84
C UNK A 281 16.14 16.77 53.59
N UNK A 282 17.22 16.20 53.06
CA UNK A 282 17.13 15.35 51.90
C UNK A 282 16.33 14.09 52.20
N UNK A 283 16.44 13.57 53.44
CA UNK A 283 15.73 12.35 53.78
C UNK A 283 14.26 12.67 53.91
N UNK A 284 13.97 13.87 54.45
CA UNK A 284 12.61 14.30 54.60
C UNK A 284 11.96 14.48 53.23
N UNK A 285 12.75 15.01 52.29
CA UNK A 285 12.26 15.22 50.94
C UNK A 285 11.99 13.89 50.29
N UNK A 286 12.85 12.90 50.53
CA UNK A 286 12.66 11.58 49.97
C UNK A 286 11.40 10.94 50.50
N UNK A 287 11.11 11.13 51.79
CA UNK A 287 9.91 10.58 52.38
C UNK A 287 8.67 11.20 51.76
N UNK A 288 8.71 12.51 51.53
CA UNK A 288 7.59 13.19 50.91
C UNK A 288 7.37 12.71 49.49
N UNK A 289 8.47 12.49 48.77
CA UNK A 289 8.38 12.02 47.40
C UNK A 289 7.78 10.62 47.35
N UNK A 290 8.15 9.77 48.32
CA UNK A 290 7.60 8.43 48.37
C UNK A 290 6.11 8.47 48.63
N UNK A 291 5.67 9.39 49.49
CA UNK A 291 4.26 9.53 49.77
C UNK A 291 3.50 9.98 48.52
N UNK A 292 4.11 10.89 47.76
CA UNK A 292 3.51 11.36 46.53
C UNK A 292 3.38 10.23 45.53
N UNK A 293 4.40 9.36 45.50
CA UNK A 293 4.38 8.23 44.59
C UNK A 293 3.26 7.29 44.97
N UNK A 294 3.03 7.08 46.26
CA UNK A 294 1.95 6.20 46.66
C UNK A 294 0.59 6.77 46.25
N UNK A 295 0.43 8.09 46.39
CA UNK A 295 -0.82 8.72 46.02
C UNK A 295 -1.08 8.63 44.51
N UNK A 296 -0.02 8.84 43.74
CA UNK A 296 -0.12 8.78 42.31
C UNK A 296 -0.40 7.38 41.85
N UNK A 297 0.17 6.39 42.56
CA UNK A 297 -0.06 5.00 42.23
C UNK A 297 -1.52 4.65 42.43
N UNK A 298 -2.13 5.21 43.47
CA UNK A 298 -3.54 4.97 43.72
C UNK A 298 -4.39 5.51 42.58
N UNK A 299 -4.01 6.69 42.05
CA UNK A 299 -4.74 7.27 40.94
C UNK A 299 -4.61 6.38 39.69
N UNK A 300 -3.42 5.83 39.50
CA UNK A 300 -3.18 4.94 38.37
C UNK A 300 -4.03 3.68 38.51
N UNK A 301 -4.17 3.19 39.74
CA UNK A 301 -4.97 2.02 40.00
C UNK A 301 -6.44 2.28 39.68
N UNK A 302 -6.90 3.49 40.00
CA UNK A 302 -8.29 3.91 39.71
C UNK A 302 -8.62 3.91 38.19
N UNK A 303 -7.65 4.27 37.33
CA UNK A 303 -7.75 4.34 35.88
C UNK A 303 -7.94 2.92 35.32
N GLN A 307 -11.84 4.08 30.72
CA GLN A 307 -11.39 2.76 30.32
C GLN A 307 -10.19 2.91 29.37
N GLN A 308 -9.37 1.84 29.25
CA GLN A 308 -8.14 1.82 28.43
C GLN A 308 -8.45 1.19 27.09
N THR A 309 -7.66 1.51 26.07
CA THR A 309 -7.93 0.97 24.75
C THR A 309 -6.82 0.11 24.15
N ALA A 310 -5.77 -0.22 24.91
CA ALA A 310 -4.69 -1.02 24.33
C ALA A 310 -4.12 -2.01 25.31
N ALA A 311 -3.54 -3.07 24.77
CA ALA A 311 -2.91 -4.11 25.57
C ALA A 311 -1.84 -4.86 24.82
N VAL A 312 -0.92 -5.46 25.53
CA VAL A 312 0.08 -6.31 24.88
C VAL A 312 -0.32 -7.75 25.10
N VAL A 313 -0.42 -8.49 24.02
CA VAL A 313 -0.85 -9.89 24.07
C VAL A 313 0.26 -10.85 23.74
N PHE A 314 0.37 -11.86 24.58
CA PHE A 314 1.42 -12.84 24.46
C PHE A 314 0.90 -14.16 23.99
N PHE A 315 1.71 -14.79 23.15
CA PHE A 315 1.53 -16.09 22.53
C PHE A 315 2.51 -17.08 23.05
N THR A 316 2.19 -18.34 22.88
CA THR A 316 3.00 -19.39 23.39
C THR A 316 4.05 -19.81 22.42
N THR A 317 4.00 -19.25 21.24
CA THR A 317 4.95 -19.59 20.19
C THR A 317 5.18 -18.46 19.21
N ARG A 318 6.38 -18.47 18.66
CA ARG A 318 6.80 -17.51 17.67
C ARG A 318 5.95 -17.59 16.45
N VAL A 319 5.56 -18.80 16.08
CA VAL A 319 4.79 -18.95 14.87
C VAL A 319 3.41 -18.32 15.05
N ALA A 320 2.76 -18.57 16.17
CA ALA A 320 1.46 -18.00 16.40
C ALA A 320 1.52 -16.50 16.50
N ALA A 321 2.55 -15.95 17.13
CA ALA A 321 2.62 -14.51 17.24
C ALA A 321 2.86 -13.90 15.91
N ALA A 322 3.70 -14.53 15.11
CA ALA A 322 4.00 -14.00 13.81
C ALA A 322 2.76 -13.97 12.98
N SER A 323 1.93 -15.01 13.06
CA SER A 323 0.72 -15.03 12.29
C SER A 323 -0.31 -14.07 12.84
N ALA A 324 -0.44 -13.96 14.17
CA ALA A 324 -1.45 -13.09 14.72
C ALA A 324 -1.23 -11.66 14.33
N ALA A 325 0.01 -11.24 14.28
CA ALA A 325 0.36 -9.89 13.94
C ALA A 325 0.09 -9.54 12.52
N GLN A 326 -0.11 -10.55 11.69
CA GLN A 326 -0.33 -10.34 10.29
C GLN A 326 -1.81 -10.46 9.94
N SER A 327 -2.66 -10.79 10.91
CA SER A 327 -4.05 -11.08 10.60
C SER A 327 -5.08 -10.03 11.01
N LEU A 328 -6.22 -10.06 10.32
CA LEU A 328 -7.39 -9.22 10.63
C LEU A 328 -8.24 -9.87 11.70
N HIS A 329 -8.50 -9.20 12.82
CA HIS A 329 -9.29 -9.85 13.86
C HIS A 329 -10.78 -9.54 13.81
N CYS A 330 -11.15 -8.33 13.41
CA CYS A 330 -12.56 -7.95 13.29
C CYS A 330 -12.94 -7.48 11.92
N GLN A 331 -14.21 -7.70 11.58
CA GLN A 331 -14.70 -7.18 10.32
C GLN A 331 -14.70 -5.68 10.35
N MET A 332 -14.87 -5.11 11.53
CA MET A 332 -14.77 -3.68 11.67
C MET A 332 -13.29 -3.42 11.77
N VAL A 333 -12.77 -2.74 10.79
CA VAL A 333 -11.36 -2.53 10.67
C VAL A 333 -10.81 -1.75 11.85
N ASP A 334 -11.59 -0.80 12.35
CA ASP A 334 -11.15 0.05 13.43
C ASP A 334 -11.30 -0.52 14.82
N LYS A 335 -11.67 -1.78 14.96
CA LYS A 335 -11.76 -2.34 16.29
C LYS A 335 -10.71 -3.40 16.50
N TRP A 336 -10.08 -3.39 17.64
CA TRP A 336 -9.09 -4.40 17.96
C TRP A 336 -8.06 -4.56 16.86
N THR A 337 -7.28 -3.51 16.59
CA THR A 337 -6.29 -3.56 15.53
C THR A 337 -5.02 -4.19 16.07
N VAL A 338 -4.38 -5.05 15.29
CA VAL A 338 -3.19 -5.75 15.78
C VAL A 338 -1.93 -5.62 14.93
N THR A 339 -0.81 -5.36 15.60
CA THR A 339 0.54 -5.33 14.99
C THR A 339 1.56 -6.12 15.83
N GLU A 340 2.80 -6.25 15.37
CA GLU A 340 3.82 -6.98 16.17
C GLU A 340 4.24 -6.13 17.35
N ALA A 341 4.43 -6.73 18.52
CA ALA A 341 4.86 -5.92 19.64
C ALA A 341 6.27 -5.42 19.41
N PRO A 342 6.58 -4.16 19.71
CA PRO A 342 7.90 -3.61 19.75
C PRO A 342 8.72 -4.25 20.82
N GLU A 343 10.02 -4.24 20.62
CA GLU A 343 10.98 -4.70 21.60
C GLU A 343 10.63 -3.99 22.89
N PRO A 344 10.64 -4.62 24.07
CA PRO A 344 10.30 -3.97 25.32
C PRO A 344 11.02 -2.63 25.51
N ARG A 345 12.27 -2.54 25.07
CA ARG A 345 13.08 -1.34 25.21
C ARG A 345 12.62 -0.20 24.33
N GLN A 346 11.82 -0.53 23.35
CA GLN A 346 11.32 0.43 22.41
C GLN A 346 9.87 0.79 22.59
N LEU A 347 9.15 0.23 23.57
CA LEU A 347 7.72 0.51 23.54
C LEU A 347 7.33 1.85 24.15
N LEU A 348 6.67 2.65 23.32
CA LEU A 348 6.26 4.02 23.67
C LEU A 348 4.90 3.99 24.31
N TRP A 349 4.88 3.60 25.57
CA TRP A 349 3.69 3.34 26.34
C TRP A 349 2.69 4.46 26.38
N GLN A 350 3.15 5.69 26.36
CA GLN A 350 2.21 6.80 26.47
C GLN A 350 1.30 6.95 25.26
N ASN A 351 1.65 6.34 24.14
CA ASN A 351 0.87 6.46 22.93
C ASN A 351 -0.04 5.30 22.66
N LEU A 352 -0.09 4.34 23.56
CA LEU A 352 -0.83 3.16 23.19
C LEU A 352 -2.32 3.32 23.32
N ASN A 353 -2.79 4.29 24.08
CA ASN A 353 -4.22 4.46 24.24
C ASN A 353 -4.78 5.51 23.31
N ILE A 354 -4.01 5.92 22.31
CA ILE A 354 -4.58 6.86 21.37
C ILE A 354 -5.34 6.03 20.36
N LYS A 355 -6.64 6.33 20.18
CA LYS A 355 -7.52 5.60 19.28
C LYS A 355 -7.25 5.92 17.84
N LEU A 356 -7.52 4.98 16.94
CA LEU A 356 -7.36 5.19 15.52
C LEU A 356 -7.74 6.51 15.02
N PHE A 357 -8.90 7.01 15.33
CA PHE A 357 -9.21 8.27 14.70
C PHE A 357 -8.50 9.43 15.30
N SER A 358 -8.08 9.32 16.55
CA SER A 358 -7.33 10.38 17.16
C SER A 358 -5.95 10.32 16.53
N ARG A 359 -5.48 9.11 16.19
CA ARG A 359 -4.17 8.94 15.55
C ARG A 359 -4.23 9.58 14.18
N ILE A 360 -5.35 9.41 13.48
CA ILE A 360 -5.51 9.99 12.17
C ILE A 360 -5.48 11.51 12.29
N ILE A 361 -6.18 12.06 13.29
CA ILE A 361 -6.20 13.50 13.49
C ILE A 361 -4.81 14.02 13.83
N ARG A 362 -4.11 13.35 14.74
CA ARG A 362 -2.78 13.76 15.10
C ARG A 362 -1.88 13.71 13.91
N GLN A 363 -1.99 12.69 13.07
CA GLN A 363 -1.13 12.64 11.93
C GLN A 363 -1.38 13.79 11.00
N TYR A 364 -2.64 14.16 10.79
CA TYR A 364 -2.82 15.27 9.89
C TYR A 364 -2.35 16.58 10.48
N PHE A 365 -2.55 16.80 11.78
CA PHE A 365 -2.08 18.05 12.38
C PHE A 365 -0.57 18.12 12.50
N ILE A 366 0.07 16.99 12.75
CA ILE A 366 1.51 16.93 12.87
C ILE A 366 2.15 17.03 11.53
N TYR A 367 1.65 16.33 10.54
CA TYR A 367 2.21 16.41 9.23
C TYR A 367 2.04 17.83 8.76
N PHE A 368 0.90 18.43 9.06
CA PHE A 368 0.64 19.81 8.75
C PHE A 368 1.64 20.73 9.42
N PHE A 369 1.86 20.56 10.71
CA PHE A 369 2.79 21.35 11.49
C PHE A 369 4.18 21.27 10.88
N VAL A 370 4.60 20.07 10.50
CA VAL A 370 5.91 19.87 9.91
C VAL A 370 6.00 20.60 8.61
N ALA A 371 4.98 20.53 7.77
CA ALA A 371 5.04 21.26 6.53
C ALA A 371 5.18 22.76 6.80
N VAL A 372 4.52 23.25 7.84
CA VAL A 372 4.63 24.66 8.22
C VAL A 372 6.05 24.97 8.71
N THR A 373 6.63 24.06 9.50
CA THR A 373 7.98 24.20 10.01
C THR A 373 8.95 24.28 8.85
N ILE A 374 8.76 23.45 7.83
CA ILE A 374 9.61 23.47 6.65
C ILE A 374 9.51 24.83 6.03
N LEU A 375 8.32 25.38 5.94
CA LEU A 375 8.23 26.72 5.39
C LEU A 375 8.94 27.78 6.25
N PHE A 376 8.86 27.71 7.57
CA PHE A 376 9.56 28.72 8.37
C PHE A 376 11.07 28.60 8.29
N TYR A 377 11.57 27.38 8.10
CA TYR A 377 12.99 27.12 7.92
C TYR A 377 13.54 27.73 6.66
N MET A 378 12.68 28.21 5.77
CA MET A 378 13.16 28.84 4.57
C MET A 378 13.89 30.14 4.96
N ILE A 379 13.55 30.71 6.13
CA ILE A 379 14.16 31.95 6.59
C ILE A 379 15.62 31.73 7.04
N PRO A 380 15.94 30.81 7.99
CA PRO A 380 17.29 30.41 8.31
C PRO A 380 18.10 30.00 7.09
N ILE A 381 17.46 29.37 6.10
CA ILE A 381 18.20 29.02 4.92
C ILE A 381 18.53 30.25 4.12
N ALA A 382 17.59 31.18 4.00
CA ALA A 382 17.88 32.38 3.26
C ALA A 382 19.05 33.11 3.90
N PHE A 383 19.13 33.07 5.23
CA PHE A 383 20.23 33.68 5.97
C PHE A 383 21.56 33.04 5.56
N VAL A 384 21.62 31.71 5.58
CA VAL A 384 22.85 31.00 5.23
C VAL A 384 23.31 31.28 3.81
N SER A 385 22.39 31.24 2.86
CA SER A 385 22.73 31.48 1.48
C SER A 385 23.12 32.92 1.22
N ALA A 386 22.42 33.86 1.86
CA ALA A 386 22.71 35.27 1.68
C ALA A 386 24.11 35.63 2.16
N ILE A 387 24.56 35.02 3.25
CA ILE A 387 25.89 35.32 3.77
C ILE A 387 27.00 34.87 2.81
N THR A 388 26.91 33.63 2.25
CA THR A 388 27.87 33.03 1.32
C THR A 388 28.12 34.00 0.13
N ARG A 410 35.67 39.87 6.09
CA ARG A 410 34.76 39.24 5.14
C ARG A 410 34.92 37.72 5.20
N THR A 411 36.17 37.21 4.97
CA THR A 411 36.58 35.79 4.91
C THR A 411 36.24 35.09 6.20
N VAL A 412 36.42 35.79 7.30
CA VAL A 412 36.14 35.26 8.61
C VAL A 412 34.66 34.89 8.75
N LEU A 413 33.79 35.50 7.95
CA LEU A 413 32.39 35.15 8.04
C LEU A 413 32.08 34.15 6.96
N GLU A 414 32.54 34.38 5.74
CA GLU A 414 32.19 33.49 4.64
C GLU A 414 32.66 32.07 4.84
N SER A 415 33.82 31.91 5.47
CA SER A 415 34.43 30.61 5.71
C SER A 415 33.86 29.87 6.87
N PHE A 416 33.13 30.54 7.75
CA PHE A 416 32.69 29.88 8.95
C PHE A 416 31.23 30.06 9.28
N LEU A 417 30.69 31.26 9.11
CA LEU A 417 29.34 31.52 9.55
C LEU A 417 28.27 30.79 8.76
N PRO A 418 28.21 30.79 7.42
CA PRO A 418 27.19 30.08 6.71
C PRO A 418 27.11 28.65 7.18
N GLN A 419 28.26 28.05 7.46
CA GLN A 419 28.27 26.68 7.86
C GLN A 419 27.86 26.53 9.30
N ILE A 420 28.33 27.42 10.17
CA ILE A 420 27.96 27.28 11.56
C ILE A 420 26.50 27.51 11.74
N ALA A 421 25.95 28.54 11.12
CA ALA A 421 24.54 28.81 11.25
C ALA A 421 23.72 27.65 10.69
N LEU A 422 24.12 27.07 9.56
CA LEU A 422 23.35 25.98 9.02
C LEU A 422 23.37 24.83 9.99
N ILE A 423 24.52 24.58 10.61
CA ILE A 423 24.63 23.52 11.58
C ILE A 423 23.74 23.79 12.77
N VAL A 424 23.74 25.01 13.30
CA VAL A 424 22.92 25.34 14.47
C VAL A 424 21.44 25.20 14.23
N PHE A 425 20.96 25.64 13.09
CA PHE A 425 19.54 25.52 12.87
C PHE A 425 19.12 24.09 12.65
N LEU A 426 19.90 23.34 11.87
CA LEU A 426 19.56 21.97 11.58
C LEU A 426 19.71 21.09 12.79
N ALA A 427 20.62 21.46 13.67
CA ALA A 427 20.89 20.72 14.89
C ALA A 427 19.69 20.67 15.81
N MET A 428 18.74 21.58 15.67
CA MET A 428 17.59 21.58 16.55
C MET A 428 16.46 20.71 16.01
N LEU A 429 16.58 20.27 14.77
CA LEU A 429 15.52 19.50 14.19
C LEU A 429 15.35 18.13 14.77
N PRO A 430 16.37 17.30 14.98
CA PRO A 430 16.18 15.98 15.49
C PRO A 430 15.37 15.94 16.77
N LYS A 431 15.53 16.95 17.63
CA LYS A 431 14.78 16.93 18.88
C LYS A 431 13.31 17.19 18.61
N LEU A 432 13.03 18.19 17.79
CA LEU A 432 11.65 18.48 17.48
C LEU A 432 10.99 17.39 16.70
N LEU A 433 11.68 16.86 15.73
CA LEU A 433 11.10 15.89 14.86
C LEU A 433 10.86 14.60 15.58
N LEU A 434 11.74 14.19 16.48
CA LEU A 434 11.46 12.95 17.18
C LEU A 434 10.27 13.16 18.12
N PHE A 435 10.16 14.34 18.76
CA PHE A 435 9.01 14.64 19.60
C PHE A 435 7.71 14.57 18.82
N LEU A 436 7.69 15.21 17.67
CA LEU A 436 6.51 15.23 16.87
C LEU A 436 6.15 13.85 16.42
N SER A 437 7.14 13.01 16.10
CA SER A 437 6.82 11.67 15.68
C SER A 437 6.20 10.90 16.81
N LYS A 438 6.73 11.03 18.02
CA LYS A 438 6.13 10.29 19.13
C LYS A 438 4.69 10.75 19.35
N ALA A 439 4.42 12.03 19.13
CA ALA A 439 3.12 12.66 19.32
C ALA A 439 2.07 12.18 18.33
N GLU A 440 2.48 11.44 17.27
CA GLU A 440 1.54 10.93 16.27
C GLU A 440 0.89 9.66 16.76
N GLY A 441 1.35 9.14 17.89
CA GLY A 441 0.78 7.90 18.37
C GLY A 441 1.57 6.67 17.97
N ILE A 442 2.82 6.84 17.61
CA ILE A 442 3.68 5.73 17.24
C ILE A 442 3.99 4.83 18.44
N PRO A 443 3.82 3.52 18.33
CA PRO A 443 4.10 2.58 19.38
C PRO A 443 5.56 2.24 19.61
N SER A 444 6.49 2.59 18.73
CA SER A 444 7.85 2.13 19.00
C SER A 444 8.90 3.15 18.69
N GLN A 445 9.98 3.04 19.45
CA GLN A 445 11.12 3.93 19.33
C GLN A 445 11.83 3.82 18.01
N SER A 446 12.02 2.63 17.44
CA SER A 446 12.73 2.62 16.18
C SER A 446 11.87 3.15 15.07
N HIS A 447 10.56 3.07 15.23
CA HIS A 447 9.68 3.59 14.19
C HIS A 447 9.67 5.08 14.32
N ALA A 448 9.62 5.60 15.56
CA ALA A 448 9.62 7.04 15.77
C ALA A 448 10.90 7.63 15.22
N ILE A 449 12.02 6.91 15.32
CA ILE A 449 13.27 7.36 14.77
C ILE A 449 13.24 7.35 13.26
N ARG A 450 12.74 6.29 12.64
CA ARG A 450 12.67 6.30 11.20
C ARG A 450 11.79 7.42 10.76
N ALA A 451 10.69 7.65 11.45
CA ALA A 451 9.78 8.71 11.11
C ALA A 451 10.46 10.06 11.27
N ALA A 452 11.29 10.23 12.30
CA ALA A 452 11.98 11.49 12.48
C ALA A 452 12.96 11.71 11.36
N SER A 453 13.62 10.64 10.91
CA SER A 453 14.57 10.70 9.81
C SER A 453 13.84 11.02 8.54
N GLY A 454 12.64 10.51 8.39
CA GLY A 454 11.80 10.76 7.25
C GLY A 454 11.47 12.24 7.16
N LYS A 455 11.07 12.82 8.28
CA LYS A 455 10.73 14.23 8.32
C LYS A 455 11.98 15.06 8.04
N TYR A 456 13.11 14.64 8.60
CA TYR A 456 14.36 15.35 8.43
C TYR A 456 14.69 15.36 6.96
N PHE A 457 14.52 14.23 6.28
CA PHE A 457 14.82 14.11 4.86
C PHE A 457 14.05 15.16 4.14
N TYR A 458 12.80 15.37 4.47
CA TYR A 458 12.10 16.41 3.75
C TYR A 458 12.75 17.78 3.95
N PHE A 459 13.38 18.05 5.10
CA PHE A 459 14.10 19.33 5.27
C PHE A 459 15.41 19.26 4.45
N SER A 460 16.05 18.09 4.41
CA SER A 460 17.29 17.92 3.67
C SER A 460 17.07 18.22 2.21
N VAL A 461 15.89 17.87 1.70
CA VAL A 461 15.54 18.13 0.33
C VAL A 461 14.99 19.53 0.12
N PHE A 462 14.01 19.97 0.90
CA PHE A 462 13.38 21.26 0.63
C PHE A 462 14.02 22.49 1.25
N ASN A 463 14.76 22.33 2.33
CA ASN A 463 15.40 23.47 2.98
C ASN A 463 16.88 23.50 2.66
N VAL A 464 17.54 22.35 2.54
CA VAL A 464 18.97 22.48 2.30
C VAL A 464 19.34 22.27 0.85
N PHE A 465 19.06 21.11 0.24
CA PHE A 465 19.46 21.01 -1.15
C PHE A 465 18.75 22.01 -2.01
N ILE A 466 17.42 21.99 -2.03
CA ILE A 466 16.70 22.93 -2.85
C ILE A 466 16.81 24.31 -2.28
N GLY A 467 16.66 24.44 -0.99
CA GLY A 467 16.67 25.76 -0.39
C GLY A 467 17.98 26.52 -0.61
N VAL A 468 19.14 25.93 -0.28
CA VAL A 468 20.41 26.60 -0.45
C VAL A 468 20.71 26.80 -1.90
N THR A 469 20.47 25.77 -2.71
CA THR A 469 20.76 25.89 -4.11
C THR A 469 19.97 26.98 -4.75
N LEU A 470 18.67 27.04 -4.47
CA LEU A 470 17.85 28.04 -5.10
C LEU A 470 18.16 29.42 -4.61
N ALA A 471 18.27 29.60 -3.31
CA ALA A 471 18.55 30.92 -2.82
C ALA A 471 19.87 31.41 -3.36
N GLY A 472 20.86 30.52 -3.47
CA GLY A 472 22.16 30.91 -3.99
C GLY A 472 22.06 31.34 -5.44
N THR A 473 21.30 30.61 -6.24
CA THR A 473 21.13 30.88 -7.65
C THR A 473 20.47 32.25 -7.85
N LEU A 474 19.52 32.56 -6.98
CA LEU A 474 18.76 33.80 -7.06
C LEU A 474 19.56 35.03 -6.66
N PHE A 475 20.80 34.85 -6.16
CA PHE A 475 21.64 36.00 -5.85
C PHE A 475 22.66 36.33 -6.96
N ASN A 476 22.58 35.66 -8.14
CA ASN A 476 23.40 35.86 -9.33
C ASN A 476 22.64 35.29 -10.53
N MET A 489 18.09 35.22 -22.20
CA MET A 489 19.23 34.41 -21.79
C MET A 489 19.25 34.11 -20.26
N ILE A 490 18.05 34.10 -19.64
CA ILE A 490 17.82 33.78 -18.22
C ILE A 490 18.16 32.34 -17.93
N ILE A 491 17.76 31.46 -18.81
CA ILE A 491 18.04 30.06 -18.57
C ILE A 491 19.54 29.81 -18.62
N ASN A 492 20.25 30.43 -19.57
CA ASN A 492 21.70 30.25 -19.66
C ASN A 492 22.38 30.75 -18.38
N LEU A 493 21.92 31.89 -17.85
CA LEU A 493 22.46 32.43 -16.62
C LEU A 493 22.25 31.50 -15.45
N LEU A 494 21.05 30.96 -15.34
CA LEU A 494 20.77 30.10 -14.23
C LEU A 494 21.60 28.83 -14.34
N ALA A 495 21.80 28.31 -15.56
CA ALA A 495 22.58 27.11 -15.70
C ALA A 495 24.02 27.30 -15.25
N THR A 496 24.61 28.46 -15.56
CA THR A 496 25.98 28.76 -15.17
C THR A 496 26.10 29.00 -13.69
N SER A 497 25.11 29.69 -13.10
CA SER A 497 25.08 30.00 -11.67
C SER A 497 24.92 28.78 -10.76
N LEU A 498 24.03 27.85 -11.12
CA LEU A 498 23.80 26.68 -10.28
C LEU A 498 25.05 25.95 -9.78
N PRO A 499 26.01 25.52 -10.61
CA PRO A 499 27.21 24.81 -10.20
C PRO A 499 28.07 25.54 -9.18
N LYS A 500 27.93 26.85 -9.05
CA LYS A 500 28.79 27.54 -8.14
C LYS A 500 28.43 27.33 -6.69
N SER A 501 27.23 26.83 -6.42
CA SER A 501 26.82 26.59 -5.04
C SER A 501 27.57 25.40 -4.50
N ALA A 502 28.15 24.60 -5.38
CA ALA A 502 28.85 23.43 -4.98
C ALA A 502 30.01 23.77 -4.07
N THR A 503 30.65 24.95 -4.23
CA THR A 503 31.79 25.30 -3.40
C THR A 503 31.38 25.36 -1.95
N PHE A 504 30.19 25.94 -1.68
CA PHE A 504 29.66 25.97 -0.32
C PHE A 504 29.55 24.58 0.20
N PHE A 505 28.96 23.73 -0.61
CA PHE A 505 28.76 22.38 -0.17
C PHE A 505 30.07 21.64 0.00
N LEU A 506 31.10 21.92 -0.80
CA LEU A 506 32.36 21.19 -0.62
C LEU A 506 32.91 21.56 0.73
N THR A 507 32.77 22.84 1.11
CA THR A 507 33.23 23.30 2.39
C THR A 507 32.47 22.66 3.52
N TYR A 508 31.16 22.58 3.38
CA TYR A 508 30.30 22.00 4.39
C TYR A 508 30.65 20.55 4.62
N VAL A 509 30.85 19.80 3.53
CA VAL A 509 31.16 18.40 3.63
C VAL A 509 32.51 18.23 4.31
N ALA A 510 33.53 19.01 3.90
CA ALA A 510 34.86 18.95 4.51
C ALA A 510 34.80 19.35 5.95
N LEU A 511 33.96 20.30 6.31
CA LEU A 511 33.85 20.67 7.70
C LEU A 511 33.41 19.46 8.50
N LYS A 512 32.41 18.78 7.99
CA LYS A 512 31.95 17.61 8.66
C LYS A 512 32.97 16.47 8.66
N PHE A 513 33.72 16.22 7.58
CA PHE A 513 34.65 15.10 7.71
C PHE A 513 35.97 15.45 8.40
N PHE A 514 36.37 16.70 8.41
CA PHE A 514 37.57 17.06 9.14
C PHE A 514 37.31 17.43 10.59
N ILE A 515 36.41 18.36 10.89
CA ILE A 515 36.20 18.71 12.27
C ILE A 515 35.19 17.81 12.89
N GLY A 516 34.14 17.50 12.16
CA GLY A 516 33.12 16.63 12.68
C GLY A 516 33.75 15.30 13.07
N TYR A 517 34.42 14.64 12.13
CA TYR A 517 35.05 13.37 12.46
C TYR A 517 36.21 13.58 13.39
N GLY A 518 36.87 14.73 13.33
CA GLY A 518 37.97 14.97 14.25
C GLY A 518 37.47 14.86 15.67
N LEU A 519 36.34 15.53 15.98
CA LEU A 519 35.73 15.49 17.29
C LEU A 519 35.13 14.14 17.61
N GLU A 520 34.58 13.47 16.62
CA GLU A 520 33.99 12.18 16.85
C GLU A 520 35.04 11.16 17.26
N LEU A 521 36.21 11.22 16.65
CA LEU A 521 37.25 10.28 16.98
C LEU A 521 37.98 10.67 18.27
N SER A 522 38.34 11.96 18.40
CA SER A 522 39.08 12.43 19.56
C SER A 522 38.26 12.58 20.82
N ARG A 523 36.95 12.70 20.71
CA ARG A 523 36.08 12.78 21.87
C ARG A 523 36.51 13.82 22.89
N ILE A 524 36.91 14.99 22.42
CA ILE A 524 37.38 16.01 23.33
C ILE A 524 36.25 16.57 24.17
N ILE A 525 35.10 16.79 23.59
CA ILE A 525 34.06 17.37 24.41
C ILE A 525 33.63 16.41 25.53
N PRO A 526 33.25 15.15 25.27
CA PRO A 526 32.96 14.16 26.27
C PRO A 526 34.07 13.99 27.29
N LEU A 527 35.32 14.13 26.86
CA LEU A 527 36.43 13.96 27.77
C LEU A 527 36.51 15.08 28.79
N ILE A 528 36.31 16.31 28.34
CA ILE A 528 36.36 17.43 29.25
C ILE A 528 35.22 17.35 30.23
N ILE A 529 34.01 17.06 29.75
CA ILE A 529 32.88 17.02 30.65
C ILE A 529 33.06 15.92 31.65
N PHE A 530 33.49 14.75 31.20
CA PHE A 530 33.70 13.65 32.09
C PHE A 530 34.68 13.94 33.19
N HIS A 531 35.84 14.49 32.88
CA HIS A 531 36.77 14.72 33.96
C HIS A 531 36.27 15.79 34.92
N LEU A 532 35.55 16.81 34.42
CA LEU A 532 35.04 17.79 35.35
C LEU A 532 34.01 17.16 36.28
N LYS A 533 33.15 16.28 35.77
CA LYS A 533 32.20 15.67 36.67
C LYS A 533 32.92 14.78 37.66
N LYS A 534 33.89 14.00 37.20
CA LYS A 534 34.58 13.09 38.09
C LYS A 534 35.25 13.82 39.25
N LYS A 535 35.85 14.97 38.97
CA LYS A 535 36.52 15.76 39.99
C LYS A 535 35.63 16.60 40.90
N TYR A 536 34.58 17.22 40.36
CA TYR A 536 33.77 18.11 41.17
C TYR A 536 32.39 17.65 41.60
N LEU A 537 31.72 16.79 40.82
CA LEU A 537 30.35 16.45 41.15
C LEU A 537 30.13 15.02 41.58
N CYS A 538 30.84 14.08 40.98
CA CYS A 538 30.60 12.69 41.29
C CYS A 538 31.19 12.35 42.64
N LYS A 539 30.40 11.69 43.48
CA LYS A 539 30.85 11.30 44.81
C LYS A 539 31.06 9.80 44.97
N THR A 540 30.35 9.02 44.16
CA THR A 540 30.39 7.57 44.27
C THR A 540 30.83 6.99 42.94
N GLU A 541 31.19 5.71 42.95
CA GLU A 541 31.61 5.03 41.74
C GLU A 541 30.52 4.97 40.72
N ALA A 542 29.29 4.78 41.18
CA ALA A 542 28.18 4.71 40.25
C ALA A 542 28.02 6.00 39.49
N GLU A 543 28.20 7.13 40.18
CA GLU A 543 28.05 8.42 39.52
C GLU A 543 29.15 8.62 38.51
N VAL A 544 30.35 8.15 38.83
CA VAL A 544 31.44 8.29 37.90
C VAL A 544 31.14 7.47 36.66
N LYS A 545 30.64 6.25 36.80
CA LYS A 545 30.31 5.49 35.60
C LYS A 545 29.20 6.13 34.79
N GLU A 546 28.19 6.71 35.43
CA GLU A 546 27.13 7.33 34.65
C GLU A 546 27.70 8.45 33.80
N ALA A 547 28.67 9.16 34.35
CA ALA A 547 29.29 10.27 33.67
C ALA A 547 29.92 9.85 32.33
N TRP A 548 30.39 8.61 32.17
CA TRP A 548 31.01 8.26 30.89
C TRP A 548 30.18 7.32 30.02
N TYR A 549 28.94 7.01 30.40
CA TYR A 549 28.24 6.03 29.58
C TYR A 549 28.16 6.59 28.16
N PRO A 550 28.69 5.90 27.14
CA PRO A 550 28.84 6.39 25.79
C PRO A 550 27.59 6.67 24.98
N GLY A 551 26.49 6.03 25.28
CA GLY A 551 25.31 6.24 24.47
C GLY A 551 25.42 5.33 23.26
N ASP A 552 24.45 5.42 22.36
CA ASP A 552 24.36 4.63 21.14
C ASP A 552 24.84 5.43 19.94
N LEU A 553 24.61 4.92 18.74
CA LEU A 553 25.04 5.60 17.54
C LEU A 553 24.13 6.73 17.09
N SER A 554 23.09 7.06 17.84
CA SER A 554 22.25 8.17 17.45
C SER A 554 21.79 8.10 16.02
N TYR A 555 21.11 7.05 15.63
CA TYR A 555 20.73 6.93 14.24
C TYR A 555 19.81 8.07 13.83
N ALA A 556 19.08 8.58 14.80
CA ALA A 556 18.16 9.70 14.60
C ALA A 556 18.86 10.95 14.08
N THR A 557 20.15 11.15 14.38
CA THR A 557 20.79 12.34 13.84
C THR A 557 21.85 11.97 12.82
N ARG A 558 22.38 10.75 12.94
CA ARG A 558 23.47 10.29 12.12
C ARG A 558 23.04 9.87 10.73
N VAL A 559 21.93 9.15 10.61
CA VAL A 559 21.53 8.75 9.30
C VAL A 559 21.10 9.96 8.51
N PRO A 560 20.21 10.84 9.00
CA PRO A 560 19.83 12.05 8.33
C PRO A 560 21.02 12.89 7.91
N GLY A 561 22.07 12.92 8.72
CA GLY A 561 23.26 13.66 8.35
C GLY A 561 23.87 13.09 7.08
N ASP A 562 24.08 11.79 7.06
CA ASP A 562 24.67 11.15 5.90
C ASP A 562 23.76 11.26 4.68
N MET A 563 22.44 11.24 4.89
CA MET A 563 21.51 11.36 3.78
C MET A 563 21.61 12.73 3.15
N LEU A 564 21.92 13.74 3.94
CA LEU A 564 22.06 15.07 3.37
C LEU A 564 23.30 15.12 2.49
N ILE A 565 24.38 14.49 2.93
CA ILE A 565 25.60 14.50 2.16
C ILE A 565 25.34 13.81 0.83
N LEU A 566 24.60 12.69 0.84
CA LEU A 566 24.29 12.02 -0.41
C LEU A 566 23.43 12.82 -1.30
N THR A 567 22.45 13.51 -0.76
CA THR A 567 21.58 14.24 -1.64
C THR A 567 22.39 15.23 -2.43
N ILE A 568 23.30 15.93 -1.77
CA ILE A 568 24.07 16.93 -2.47
C ILE A 568 25.08 16.32 -3.42
N THR A 569 25.80 15.28 -2.99
CA THR A 569 26.83 14.68 -3.82
C THR A 569 26.20 14.09 -5.05
N PHE A 570 25.05 13.43 -4.94
CA PHE A 570 24.44 12.90 -6.13
C PHE A 570 23.97 14.01 -7.02
N CYS A 571 23.30 15.00 -6.46
CA CYS A 571 22.72 16.01 -7.32
C CYS A 571 23.72 16.83 -8.12
N TYR A 572 24.93 17.05 -7.59
CA TYR A 572 25.96 17.80 -8.29
C TYR A 572 27.06 16.94 -8.91
N SER A 573 26.89 15.62 -8.94
CA SER A 573 27.98 14.73 -9.40
C SER A 573 28.43 14.96 -10.83
N VAL A 574 27.57 15.47 -11.70
CA VAL A 574 27.94 15.76 -13.07
C VAL A 574 27.75 17.25 -13.41
N ILE A 575 27.49 18.06 -12.39
CA ILE A 575 27.30 19.50 -12.57
C ILE A 575 28.54 20.19 -12.08
N ALA A 576 29.02 19.75 -10.92
CA ALA A 576 30.19 20.27 -10.29
C ALA A 576 30.98 19.09 -9.74
N PRO A 577 31.60 18.26 -10.60
CA PRO A 577 32.16 16.94 -10.37
C PRO A 577 33.19 16.79 -9.26
N LEU A 578 33.82 17.85 -8.82
CA LEU A 578 34.82 17.71 -7.76
C LEU A 578 34.17 17.25 -6.48
N ILE A 579 32.88 17.51 -6.36
CA ILE A 579 32.12 17.15 -5.19
C ILE A 579 32.13 15.69 -4.98
N LEU A 580 32.35 14.94 -6.04
CA LEU A 580 32.37 13.53 -5.97
C LEU A 580 33.55 13.06 -5.15
N ILE A 581 34.69 13.76 -5.23
CA ILE A 581 35.89 13.36 -4.50
C ILE A 581 35.64 13.61 -3.04
N PHE A 582 34.99 14.73 -2.74
CA PHE A 582 34.65 15.05 -1.37
C PHE A 582 33.68 14.03 -0.83
N GLY A 583 32.74 13.59 -1.65
CA GLY A 583 31.79 12.56 -1.27
C GLY A 583 32.53 11.26 -0.99
N ILE A 584 33.55 10.94 -1.80
CA ILE A 584 34.34 9.74 -1.58
C ILE A 584 35.07 9.83 -0.27
N THR A 585 35.69 10.97 0.02
CA THR A 585 36.39 11.11 1.27
C THR A 585 35.42 11.08 2.44
N TYR A 586 34.28 11.76 2.33
CA TYR A 586 33.36 11.77 3.44
C TYR A 586 32.98 10.36 3.82
N PHE A 587 32.57 9.56 2.84
CA PHE A 587 32.11 8.21 3.11
C PHE A 587 33.25 7.27 3.43
N GLY A 588 34.37 7.39 2.76
CA GLY A 588 35.54 6.56 2.99
C GLY A 588 36.17 6.81 4.35
N LEU A 589 36.34 8.07 4.71
CA LEU A 589 36.91 8.42 5.97
C LEU A 589 35.90 8.09 7.04
N GLY A 590 34.62 8.35 6.80
CA GLY A 590 33.60 8.01 7.76
C GLY A 590 33.60 6.54 8.00
N TRP A 591 33.83 5.75 6.97
CA TRP A 591 33.86 4.33 7.17
C TRP A 591 34.94 4.02 8.18
N LEU A 592 36.14 4.58 8.01
CA LEU A 592 37.24 4.28 8.93
C LEU A 592 37.07 4.83 10.35
N VAL A 593 36.59 6.06 10.46
CA VAL A 593 36.39 6.71 11.75
C VAL A 593 35.28 6.04 12.51
N LEU A 594 34.19 5.75 11.83
CA LEU A 594 33.08 5.14 12.48
C LEU A 594 33.34 3.69 12.64
N ARG A 595 34.22 3.08 11.84
CA ARG A 595 34.50 1.69 12.11
C ARG A 595 35.21 1.63 13.44
N ASN A 596 36.08 2.58 13.72
CA ASN A 596 36.75 2.57 15.00
C ASN A 596 35.73 2.83 16.13
N GLN A 597 34.81 3.78 15.95
CA GLN A 597 33.83 4.08 17.01
C GLN A 597 32.84 2.94 17.22
N ALA A 598 32.47 2.26 16.17
CA ALA A 598 31.56 1.13 16.24
C ALA A 598 32.16 0.01 17.04
N LEU A 599 33.47 -0.17 16.96
CA LEU A 599 34.11 -1.26 17.68
C LEU A 599 34.54 -0.89 19.10
N LYS A 600 34.93 0.36 19.31
CA LYS A 600 35.46 0.77 20.60
C LYS A 600 34.62 1.68 21.47
N VAL A 601 33.67 2.43 20.91
CA VAL A 601 32.98 3.44 21.68
C VAL A 601 31.48 3.27 21.93
N TYR A 602 30.70 3.08 20.90
CA TYR A 602 29.25 3.14 21.09
C TYR A 602 28.58 1.85 21.46
N VAL A 603 27.52 1.98 22.26
CA VAL A 603 26.73 0.86 22.72
C VAL A 603 25.28 0.92 22.25
N PRO A 604 24.78 -0.05 21.48
CA PRO A 604 23.42 -0.11 20.96
C PRO A 604 22.37 -0.04 22.06
N SER A 605 21.29 0.68 21.78
CA SER A 605 20.16 0.86 22.70
C SER A 605 18.94 0.03 22.37
N TYR A 606 18.85 -0.43 21.14
CA TYR A 606 17.76 -1.25 20.64
C TYR A 606 18.31 -1.99 19.44
N GLU A 607 17.67 -3.09 19.04
CA GLU A 607 18.09 -3.78 17.82
C GLU A 607 16.95 -3.91 16.82
N SER A 608 17.02 -3.20 15.69
CA SER A 608 15.91 -3.28 14.75
C SER A 608 16.18 -4.30 13.64
N TYR A 609 17.32 -4.99 13.69
CA TYR A 609 17.67 -6.01 12.72
C TYR A 609 17.68 -5.57 11.30
N GLY A 610 18.16 -4.39 11.03
CA GLY A 610 18.24 -3.99 9.66
C GLY A 610 16.97 -3.42 9.12
N ARG A 611 15.98 -3.17 9.97
CA ARG A 611 14.72 -2.62 9.51
C ARG A 611 14.90 -1.24 8.93
N MET A 612 16.02 -0.62 9.25
CA MET A 612 16.40 0.67 8.76
C MET A 612 16.78 0.60 7.28
N TRP A 613 17.23 -0.54 6.80
CA TRP A 613 17.72 -0.59 5.43
C TRP A 613 16.73 -0.13 4.37
N PRO A 614 15.46 -0.56 4.31
CA PRO A 614 14.50 -0.09 3.33
C PRO A 614 14.29 1.41 3.38
N HIS A 615 14.57 2.05 4.52
CA HIS A 615 14.42 3.47 4.67
C HIS A 615 15.54 4.06 3.85
N ILE A 616 16.72 3.52 4.09
CA ILE A 616 17.92 3.95 3.44
C ILE A 616 17.89 3.69 1.96
N HIS A 617 17.44 2.52 1.55
CA HIS A 617 17.35 2.18 0.16
C HIS A 617 16.45 3.13 -0.55
N GLN A 618 15.28 3.39 0.02
CA GLN A 618 14.35 4.25 -0.64
C GLN A 618 14.86 5.66 -0.72
N ARG A 619 15.59 6.13 0.29
CA ARG A 619 16.12 7.48 0.24
C ARG A 619 17.31 7.61 -0.70
N ILE A 620 18.15 6.57 -0.84
CA ILE A 620 19.26 6.66 -1.79
C ILE A 620 18.65 6.67 -3.18
N LEU A 621 17.67 5.81 -3.41
CA LEU A 621 17.03 5.77 -4.70
C LEU A 621 16.31 7.09 -4.95
N ALA A 622 15.69 7.68 -3.92
CA ALA A 622 15.05 8.98 -4.08
C ALA A 622 16.08 10.02 -4.45
N ALA A 623 17.28 9.95 -3.89
CA ALA A 623 18.34 10.89 -4.23
C ALA A 623 18.75 10.69 -5.69
N LEU A 624 18.79 9.44 -6.15
CA LEU A 624 19.13 9.18 -7.54
C LEU A 624 18.05 9.72 -8.41
N PHE A 625 16.80 9.54 -7.99
CA PHE A 625 15.64 10.01 -8.73
C PHE A 625 15.73 11.51 -8.86
N LEU A 626 16.05 12.20 -7.77
CA LEU A 626 16.16 13.64 -7.79
C LEU A 626 17.29 14.03 -8.72
N PHE A 627 18.40 13.31 -8.69
CA PHE A 627 19.51 13.55 -9.60
C PHE A 627 19.09 13.45 -11.03
N GLN A 628 18.36 12.40 -11.38
CA GLN A 628 17.90 12.20 -12.73
C GLN A 628 16.95 13.30 -13.16
N VAL A 629 16.09 13.74 -12.25
CA VAL A 629 15.19 14.84 -12.54
C VAL A 629 15.97 16.12 -12.74
N VAL A 630 16.96 16.35 -11.88
CA VAL A 630 17.79 17.54 -11.97
C VAL A 630 18.59 17.55 -13.25
N MET A 631 19.19 16.44 -13.65
CA MET A 631 19.92 16.41 -14.90
C MET A 631 19.03 16.49 -16.07
N PHE A 632 17.82 15.98 -15.97
CA PHE A 632 16.92 16.15 -17.08
C PHE A 632 16.74 17.66 -17.27
N GLY A 633 16.45 18.36 -16.18
CA GLY A 633 16.27 19.80 -16.22
C GLY A 633 17.53 20.60 -16.59
N TYR A 634 18.70 20.19 -16.07
CA TYR A 634 19.96 20.90 -16.28
C TYR A 634 20.44 20.74 -17.71
N LEU A 635 20.33 19.54 -18.24
CA LEU A 635 20.71 19.35 -19.60
C LEU A 635 19.79 20.22 -20.41
N GLY A 636 18.52 20.32 -20.00
CA GLY A 636 17.56 21.19 -20.65
C GLY A 636 17.98 22.65 -20.55
N ALA A 637 18.51 23.04 -19.40
CA ALA A 637 18.97 24.42 -19.19
C ALA A 637 20.10 24.79 -20.17
N LYS A 638 20.90 23.80 -20.53
CA LYS A 638 22.00 23.96 -21.47
C LYS A 638 21.54 23.69 -22.90
N THR A 639 20.22 23.49 -23.05
CA THR A 639 19.44 23.18 -24.24
C THR A 639 20.06 22.07 -25.03
N PHE A 640 20.27 20.98 -24.35
CA PHE A 640 20.80 19.78 -24.93
C PHE A 640 19.73 19.06 -25.71
N PHE A 641 20.05 18.71 -26.95
CA PHE A 641 19.07 18.08 -27.81
C PHE A 641 18.45 16.81 -27.22
N TYR A 642 19.27 15.98 -26.61
CA TYR A 642 18.82 14.70 -26.14
C TYR A 642 18.52 14.63 -24.65
N THR A 643 17.94 15.68 -24.05
CA THR A 643 17.59 15.58 -22.61
C THR A 643 16.57 14.50 -22.40
N ALA A 644 15.78 14.28 -23.43
CA ALA A 644 14.71 13.33 -23.47
C ALA A 644 15.18 11.93 -23.16
N LEU A 645 16.46 11.63 -23.40
CA LEU A 645 16.94 10.28 -23.17
C LEU A 645 17.04 9.98 -21.69
N VAL A 646 16.95 11.01 -20.86
CA VAL A 646 16.99 10.80 -19.43
C VAL A 646 15.60 10.43 -18.92
N ILE A 647 14.51 10.68 -19.69
CA ILE A 647 13.22 10.29 -19.19
C ILE A 647 13.20 8.81 -18.92
N PRO A 648 13.70 7.93 -19.79
CA PRO A 648 13.87 6.53 -19.54
C PRO A 648 14.60 6.22 -18.25
N LEU A 649 15.51 7.07 -17.77
CA LEU A 649 16.18 6.75 -16.54
C LEU A 649 15.27 7.06 -15.38
N ILE A 650 14.45 8.10 -15.54
CA ILE A 650 13.51 8.50 -14.50
C ILE A 650 12.49 7.38 -14.35
N ILE A 651 12.04 6.86 -15.48
CA ILE A 651 11.12 5.75 -15.50
C ILE A 651 11.80 4.51 -14.93
N THR A 652 13.05 4.24 -15.32
CA THR A 652 13.75 3.10 -14.80
C THR A 652 13.85 3.18 -13.32
N SER A 653 14.15 4.34 -12.75
CA SER A 653 14.27 4.46 -11.32
C SER A 653 12.97 4.09 -10.64
N LEU A 654 11.83 4.54 -11.16
CA LEU A 654 10.55 4.19 -10.55
C LEU A 654 10.24 2.71 -10.68
N ILE A 655 10.55 2.11 -11.82
CA ILE A 655 10.30 0.70 -12.00
C ILE A 655 11.24 -0.08 -11.12
N PHE A 656 12.51 0.32 -11.04
CA PHE A 656 13.55 -0.31 -10.25
C PHE A 656 13.09 -0.34 -8.83
N GLY A 657 12.59 0.78 -8.32
CA GLY A 657 12.09 0.87 -6.97
C GLY A 657 10.97 -0.12 -6.76
N TYR A 658 10.00 -0.14 -7.67
CA TYR A 658 8.89 -1.06 -7.59
C TYR A 658 9.33 -2.49 -7.56
N VAL A 659 10.23 -2.86 -8.46
CA VAL A 659 10.72 -4.22 -8.53
C VAL A 659 11.49 -4.60 -7.28
N CYS A 660 12.34 -3.72 -6.77
CA CYS A 660 13.10 -3.99 -5.57
C CYS A 660 12.14 -4.15 -4.41
N ARG A 661 11.10 -3.35 -4.39
CA ARG A 661 10.15 -3.47 -3.32
C ARG A 661 9.47 -4.82 -3.40
N GLN A 662 9.06 -5.23 -4.60
CA GLN A 662 8.40 -6.52 -4.78
C GLN A 662 9.29 -7.70 -4.46
N LYS A 663 10.58 -7.58 -4.75
CA LYS A 663 11.52 -8.67 -4.51
C LYS A 663 12.08 -8.75 -3.10
N PHE A 664 12.32 -7.62 -2.43
CA PHE A 664 12.95 -7.70 -1.14
C PHE A 664 12.17 -7.15 0.06
N TYR A 665 11.32 -6.15 -0.14
CA TYR A 665 10.76 -5.37 0.95
C TYR A 665 9.98 -6.10 2.02
N GLY A 666 9.09 -6.98 1.65
CA GLY A 666 8.28 -7.62 2.65
C GLY A 666 9.10 -8.39 3.67
N GLY A 667 10.32 -8.78 3.29
CA GLY A 667 11.20 -9.58 4.14
C GLY A 667 11.71 -8.77 5.30
N PHE A 668 11.51 -7.46 5.24
CA PHE A 668 11.90 -6.56 6.29
C PHE A 668 10.79 -6.21 7.22
N GLU A 669 9.53 -6.51 6.86
CA GLU A 669 8.44 -6.12 7.73
C GLU A 669 8.12 -7.19 8.70
N HIS A 670 8.30 -8.43 8.28
CA HIS A 670 7.93 -9.53 9.14
C HIS A 670 8.98 -10.58 9.17
N THR A 671 9.01 -11.34 10.23
CA THR A 671 9.87 -12.49 10.27
C THR A 671 9.10 -13.57 9.56
N ALA A 672 9.74 -14.21 8.62
CA ALA A 672 9.14 -15.26 7.82
C ALA A 672 8.82 -16.41 8.66
N LEU A 673 7.78 -17.14 8.31
CA LEU A 673 7.46 -18.31 9.07
C LEU A 673 8.57 -19.38 8.99
N GLU A 674 9.28 -19.48 7.89
CA GLU A 674 10.38 -20.45 7.84
C GLU A 674 11.46 -20.13 8.89
N VAL A 675 11.51 -18.87 9.38
CA VAL A 675 12.46 -18.41 10.40
C VAL A 675 11.80 -18.59 11.78
N ALA A 676 10.53 -18.23 11.88
CA ALA A 676 9.81 -18.35 13.12
C ALA A 676 9.79 -19.80 13.58
N CYS A 677 9.82 -20.72 12.62
CA CYS A 677 9.78 -22.14 12.84
C CYS A 677 11.10 -22.81 13.18
N ARG A 678 12.13 -22.04 13.45
CA ARG A 678 13.42 -22.59 13.83
C ARG A 678 13.34 -23.39 15.10
N GLU A 679 14.11 -24.46 15.12
CA GLU A 679 14.20 -25.33 16.26
C GLU A 679 14.63 -24.56 17.50
N LEU A 680 13.93 -24.77 18.60
CA LEU A 680 14.26 -24.11 19.84
C LEU A 680 15.44 -24.73 20.52
N LYS A 681 16.27 -23.89 21.12
CA LYS A 681 17.37 -24.37 21.95
C LYS A 681 16.79 -24.93 23.25
N GLN A 682 15.75 -24.28 23.74
CA GLN A 682 15.05 -24.65 24.96
C GLN A 682 13.67 -24.03 24.92
N SER A 683 12.75 -24.55 25.69
CA SER A 683 11.44 -23.91 25.74
C SER A 683 11.59 -22.52 26.38
N PRO A 684 10.97 -21.46 25.83
CA PRO A 684 10.90 -20.12 26.38
C PRO A 684 10.15 -20.06 27.71
N ASP A 685 10.56 -19.16 28.60
CA ASP A 685 9.81 -18.92 29.81
C ASP A 685 8.86 -17.80 29.56
N LEU A 686 7.59 -18.11 29.40
CA LEU A 686 6.65 -17.09 29.02
C LEU A 686 6.40 -16.08 30.12
N GLU A 687 6.70 -16.44 31.38
CA GLU A 687 6.45 -15.50 32.45
C GLU A 687 7.50 -14.38 32.44
N GLU A 688 8.74 -14.72 32.10
CA GLU A 688 9.80 -13.74 32.01
C GLU A 688 9.51 -12.85 30.83
N ILE A 689 8.97 -13.46 29.80
CA ILE A 689 8.61 -12.72 28.63
C ILE A 689 7.56 -11.71 28.99
N PHE A 690 6.57 -12.11 29.77
CA PHE A 690 5.53 -11.21 30.22
C PHE A 690 6.08 -10.07 31.07
N ARG A 691 6.94 -10.39 32.05
CA ARG A 691 7.53 -9.39 32.95
C ARG A 691 8.33 -8.34 32.22
N ALA A 692 8.94 -8.71 31.12
CA ALA A 692 9.76 -7.84 30.32
C ALA A 692 9.00 -6.63 29.83
N TYR A 693 7.67 -6.75 29.74
CA TYR A 693 6.85 -5.66 29.26
C TYR A 693 6.13 -4.91 30.34
N ILE A 694 6.48 -5.07 31.62
CA ILE A 694 5.75 -4.32 32.61
C ILE A 694 6.61 -3.20 33.18
N PRO A 695 6.29 -1.92 32.91
CA PRO A 695 7.03 -0.76 33.36
C PRO A 695 6.74 -0.52 34.84
N HIS A 696 7.65 0.14 35.55
CA HIS A 696 7.39 0.55 36.95
C HIS A 696 6.96 -0.59 37.90
N SER A 697 7.65 -1.75 37.84
CA SER A 697 7.40 -2.94 38.66
C SER A 697 8.69 -3.80 38.62
N GLU B 2 -28.09 19.22 -30.63
CA GLU B 2 -29.10 19.91 -31.43
C GLU B 2 -30.48 19.47 -30.92
N PHE B 3 -31.40 20.44 -30.72
CA PHE B 3 -32.75 20.26 -30.13
C PHE B 3 -33.72 19.36 -30.90
N GLY B 4 -33.82 19.55 -32.20
CA GLY B 4 -34.70 18.73 -33.00
C GLY B 4 -34.26 17.28 -32.90
N SER B 5 -32.97 17.02 -33.14
CA SER B 5 -32.43 15.66 -33.08
C SER B 5 -32.59 15.10 -31.69
N PHE B 6 -32.42 15.92 -30.67
CA PHE B 6 -32.62 15.46 -29.31
C PHE B 6 -34.03 14.94 -29.10
N LEU B 7 -35.04 15.71 -29.51
CA LEU B 7 -36.41 15.24 -29.32
C LEU B 7 -36.68 14.01 -30.14
N VAL B 8 -36.11 13.91 -31.34
CA VAL B 8 -36.32 12.72 -32.16
C VAL B 8 -35.76 11.50 -31.49
N SER B 9 -34.56 11.61 -30.94
CA SER B 9 -33.98 10.47 -30.27
C SER B 9 -34.78 10.12 -29.05
N LEU B 10 -35.28 11.10 -28.29
CA LEU B 10 -36.08 10.73 -27.13
C LEU B 10 -37.36 10.07 -27.56
N GLY B 11 -37.95 10.57 -28.63
CA GLY B 11 -39.19 10.09 -29.18
C GLY B 11 -39.04 8.66 -29.63
N THR B 12 -38.03 8.38 -30.43
CA THR B 12 -37.81 7.05 -30.93
C THR B 12 -37.48 6.09 -29.81
N SER B 13 -36.63 6.49 -28.87
CA SER B 13 -36.29 5.62 -27.79
C SER B 13 -37.50 5.39 -26.92
N PHE B 14 -38.31 6.42 -26.70
CA PHE B 14 -39.52 6.31 -25.91
C PHE B 14 -40.53 5.37 -26.52
N VAL B 15 -40.80 5.52 -27.81
CA VAL B 15 -41.76 4.66 -28.45
C VAL B 15 -41.26 3.24 -28.47
N ILE B 16 -39.98 3.01 -28.76
CA ILE B 16 -39.47 1.65 -28.76
C ILE B 16 -39.61 1.09 -27.37
N PHE B 17 -39.33 1.88 -26.34
CA PHE B 17 -39.51 1.45 -24.99
C PHE B 17 -40.94 1.02 -24.76
N VAL B 18 -41.92 1.82 -25.17
CA VAL B 18 -43.30 1.45 -24.95
C VAL B 18 -43.65 0.18 -25.71
N ILE B 19 -43.18 0.03 -26.94
CA ILE B 19 -43.49 -1.19 -27.68
C ILE B 19 -42.91 -2.37 -26.97
N LEU B 20 -41.67 -2.27 -26.52
CA LEU B 20 -41.05 -3.37 -25.83
C LEU B 20 -41.78 -3.64 -24.53
N MET B 21 -42.30 -2.59 -23.86
CA MET B 21 -43.07 -2.78 -22.64
C MET B 21 -44.38 -3.49 -22.90
N LEU B 22 -44.98 -3.27 -24.07
CA LEU B 22 -46.21 -3.94 -24.39
C LEU B 22 -45.93 -5.37 -24.79
N LEU B 23 -44.82 -5.61 -25.50
CA LEU B 23 -44.49 -6.97 -25.86
C LEU B 23 -44.18 -7.71 -24.61
N PHE B 24 -43.51 -7.09 -23.67
CA PHE B 24 -43.24 -7.70 -22.39
C PHE B 24 -44.53 -8.03 -21.67
N THR B 25 -45.43 -7.09 -21.57
CA THR B 25 -46.67 -7.35 -20.86
C THR B 25 -47.43 -8.51 -21.48
N TRP B 26 -47.51 -8.54 -22.79
CA TRP B 26 -48.18 -9.60 -23.50
C TRP B 26 -47.47 -10.95 -23.43
N LEU B 27 -46.21 -10.98 -23.84
CA LEU B 27 -45.44 -12.20 -23.93
C LEU B 27 -45.12 -12.81 -22.59
N SER B 28 -44.91 -12.01 -21.56
CA SER B 28 -44.56 -12.54 -20.26
C SER B 28 -45.72 -13.23 -19.60
N ARG B 29 -46.93 -13.08 -20.13
CA ARG B 29 -48.07 -13.73 -19.53
C ARG B 29 -48.41 -15.03 -20.28
N LYS B 30 -47.61 -15.35 -21.30
CA LYS B 30 -47.78 -16.57 -22.06
C LYS B 30 -46.89 -17.64 -21.46
N SER B 31 -47.44 -18.81 -21.19
CA SER B 31 -46.68 -19.87 -20.56
C SER B 31 -45.53 -20.40 -21.37
N GLY B 32 -45.61 -20.31 -22.69
CA GLY B 32 -44.55 -20.84 -23.54
C GLY B 32 -43.27 -20.04 -23.46
N ASN B 33 -43.34 -18.83 -22.92
CA ASN B 33 -42.16 -18.01 -22.85
C ASN B 33 -41.59 -18.01 -21.45
N ALA B 34 -42.13 -18.85 -20.57
CA ALA B 34 -41.64 -18.86 -19.20
C ALA B 34 -40.12 -19.10 -19.12
N PRO B 35 -39.48 -19.98 -19.93
CA PRO B 35 -38.05 -20.22 -19.90
C PRO B 35 -37.23 -18.95 -20.18
N ILE B 36 -37.84 -17.94 -20.76
CA ILE B 36 -37.18 -16.70 -21.06
C ILE B 36 -37.49 -15.65 -20.03
N TYR B 37 -38.73 -15.54 -19.59
CA TYR B 37 -39.07 -14.48 -18.65
C TYR B 37 -38.90 -14.81 -17.18
N TYR B 38 -38.95 -16.08 -16.81
CA TYR B 38 -38.79 -16.42 -15.42
C TYR B 38 -37.83 -17.60 -15.21
N PRO B 39 -36.64 -17.67 -15.85
CA PRO B 39 -35.72 -18.75 -15.73
C PRO B 39 -35.09 -18.88 -14.37
N ASN B 40 -35.03 -17.83 -13.57
CA ASN B 40 -34.41 -18.00 -12.28
C ASN B 40 -35.34 -18.76 -11.39
N ARG B 41 -36.62 -18.48 -11.56
CA ARG B 41 -37.61 -19.15 -10.75
C ARG B 41 -37.76 -20.56 -11.24
N ILE B 42 -37.62 -20.79 -12.54
CA ILE B 42 -37.75 -22.14 -13.03
C ILE B 42 -36.61 -23.00 -12.52
N LEU B 43 -35.39 -22.50 -12.59
CA LEU B 43 -34.23 -23.25 -12.16
C LEU B 43 -34.25 -23.52 -10.67
N LYS B 44 -34.87 -22.64 -9.90
CA LYS B 44 -34.99 -22.82 -8.46
C LYS B 44 -36.21 -23.63 -8.03
N GLY B 45 -37.03 -24.10 -8.98
CA GLY B 45 -38.20 -24.90 -8.66
C GLY B 45 -39.42 -24.11 -8.20
N LEU B 46 -39.50 -22.86 -8.56
CA LEU B 46 -40.59 -21.99 -8.17
C LEU B 46 -41.55 -21.82 -9.33
N GLU B 47 -42.80 -21.51 -9.03
CA GLU B 47 -43.73 -21.22 -10.09
C GLU B 47 -43.29 -19.92 -10.73
N PRO B 48 -43.47 -19.71 -12.03
CA PRO B 48 -43.12 -18.47 -12.70
C PRO B 48 -43.64 -17.24 -11.95
N TRP B 49 -44.83 -17.31 -11.38
CA TRP B 49 -45.34 -16.20 -10.59
C TRP B 49 -46.32 -16.72 -9.53
N GLU B 50 -46.47 -15.95 -8.45
CA GLU B 50 -47.27 -16.34 -7.29
C GLU B 50 -48.74 -15.99 -7.27
N GLY B 51 -49.24 -15.36 -8.29
CA GLY B 51 -50.65 -14.98 -8.26
C GLY B 51 -51.61 -16.17 -8.15
N THR B 52 -51.31 -17.29 -8.84
CA THR B 52 -52.05 -18.57 -8.91
C THR B 52 -53.41 -18.52 -9.63
N SER B 53 -53.95 -17.33 -9.83
CA SER B 53 -55.24 -17.09 -10.46
C SER B 53 -55.23 -17.29 -11.97
N LEU B 54 -54.02 -17.28 -12.50
CA LEU B 54 -53.72 -17.36 -13.92
C LEU B 54 -54.24 -16.15 -14.71
N THR B 55 -54.53 -15.06 -13.99
CA THR B 55 -54.94 -13.80 -14.59
C THR B 55 -54.07 -12.70 -14.00
N ARG B 56 -52.86 -12.55 -14.53
CA ARG B 56 -51.90 -11.62 -13.96
C ARG B 56 -52.19 -10.21 -14.41
N ASN B 57 -52.18 -9.31 -13.44
CA ASN B 57 -52.34 -7.89 -13.67
C ASN B 57 -51.11 -7.42 -14.42
N PRO B 58 -51.20 -6.60 -15.46
CA PRO B 58 -50.06 -6.13 -16.22
C PRO B 58 -49.05 -5.35 -15.38
N PHE B 59 -49.45 -4.80 -14.24
CA PHE B 59 -48.52 -4.06 -13.43
C PHE B 59 -48.10 -4.83 -12.21
N ALA B 60 -48.44 -6.09 -12.17
CA ALA B 60 -48.12 -6.92 -11.02
C ALA B 60 -46.63 -6.98 -10.79
N TRP B 61 -45.85 -6.99 -11.87
CA TRP B 61 -44.43 -7.10 -11.72
C TRP B 61 -43.84 -5.88 -11.04
N MET B 62 -44.48 -4.72 -11.18
CA MET B 62 -43.93 -3.54 -10.57
C MET B 62 -44.16 -3.62 -9.11
N ARG B 63 -45.36 -4.07 -8.72
CA ARG B 63 -45.64 -4.15 -7.31
C ARG B 63 -44.71 -5.15 -6.63
N GLU B 64 -44.45 -6.27 -7.30
CA GLU B 64 -43.60 -7.29 -6.74
C GLU B 64 -42.16 -6.83 -6.63
N ALA B 65 -41.66 -6.11 -7.63
CA ALA B 65 -40.31 -5.61 -7.57
C ALA B 65 -40.17 -4.57 -6.49
N LEU B 66 -41.18 -3.74 -6.31
CA LEU B 66 -41.10 -2.70 -5.31
C LEU B 66 -41.24 -3.19 -3.90
N THR B 67 -42.12 -4.13 -3.63
CA THR B 67 -42.28 -4.59 -2.25
C THR B 67 -41.40 -5.79 -1.98
N SER B 68 -40.13 -5.62 -2.22
CA SER B 68 -39.12 -6.65 -2.05
C SER B 68 -37.94 -6.03 -1.37
N SER B 69 -37.58 -6.55 -0.22
CA SER B 69 -36.51 -5.95 0.56
C SER B 69 -35.14 -6.41 0.13
N GLU B 70 -34.11 -5.71 0.57
CA GLU B 70 -32.74 -6.14 0.30
C GLU B 70 -32.50 -7.55 0.75
N GLN B 71 -33.09 -7.92 1.86
CA GLN B 71 -32.92 -9.24 2.40
C GLN B 71 -33.49 -10.29 1.46
N ASP B 72 -34.53 -9.96 0.69
CA ASP B 72 -35.15 -10.94 -0.18
C ASP B 72 -34.27 -11.08 -1.40
N VAL B 73 -33.61 -10.00 -1.77
CA VAL B 73 -32.69 -10.07 -2.89
C VAL B 73 -31.51 -10.93 -2.52
N VAL B 74 -30.98 -10.78 -1.30
CA VAL B 74 -29.86 -11.60 -0.90
C VAL B 74 -30.27 -13.05 -0.79
N ASN B 75 -31.40 -13.31 -0.15
CA ASN B 75 -31.79 -14.67 0.06
C ASN B 75 -32.01 -15.40 -1.24
N LEU B 76 -32.50 -14.72 -2.26
CA LEU B 76 -32.73 -15.37 -3.51
C LEU B 76 -31.54 -15.36 -4.49
N SER B 77 -30.85 -14.23 -4.62
CA SER B 77 -29.80 -14.07 -5.62
C SER B 77 -28.37 -13.72 -5.16
N GLY B 78 -28.06 -13.69 -3.87
CA GLY B 78 -26.68 -13.42 -3.44
C GLY B 78 -26.35 -12.03 -2.93
N VAL B 79 -25.16 -11.92 -2.36
CA VAL B 79 -24.70 -10.67 -1.77
C VAL B 79 -24.28 -9.75 -2.86
N ASP B 80 -23.53 -10.24 -3.84
CA ASP B 80 -23.12 -9.34 -4.91
C ASP B 80 -24.33 -8.72 -5.57
N THR B 81 -25.40 -9.48 -5.70
CA THR B 81 -26.60 -8.96 -6.30
C THR B 81 -27.15 -7.84 -5.45
N ALA B 82 -27.25 -8.05 -4.14
CA ALA B 82 -27.75 -7.02 -3.23
C ALA B 82 -26.88 -5.78 -3.24
N VAL B 83 -25.58 -5.95 -3.36
CA VAL B 83 -24.62 -4.86 -3.40
C VAL B 83 -24.84 -4.05 -4.64
N HIS B 84 -25.16 -4.72 -5.75
CA HIS B 84 -25.43 -4.01 -6.97
C HIS B 84 -26.61 -3.07 -6.72
N PHE B 85 -27.62 -3.53 -5.98
CA PHE B 85 -28.75 -2.65 -5.68
C PHE B 85 -28.37 -1.55 -4.73
N VAL B 86 -27.41 -1.78 -3.82
CA VAL B 86 -26.97 -0.69 -2.96
C VAL B 86 -26.36 0.35 -3.84
N PHE B 87 -25.55 -0.06 -4.79
CA PHE B 87 -24.96 0.89 -5.70
C PHE B 87 -26.00 1.71 -6.40
N LEU B 88 -27.01 1.07 -6.97
CA LEU B 88 -28.00 1.83 -7.73
C LEU B 88 -28.82 2.80 -6.86
N SER B 89 -29.18 2.39 -5.63
CA SER B 89 -29.97 3.25 -4.79
C SER B 89 -29.14 4.32 -4.10
N THR B 90 -27.84 4.07 -3.88
CA THR B 90 -26.99 5.07 -3.27
C THR B 90 -26.92 6.22 -4.22
N VAL B 91 -26.72 5.91 -5.49
CA VAL B 91 -26.62 6.92 -6.51
C VAL B 91 -27.92 7.68 -6.68
N LEU B 92 -29.04 6.98 -6.68
CA LEU B 92 -30.33 7.60 -6.82
C LEU B 92 -30.58 8.57 -5.69
N GLY B 93 -30.25 8.18 -4.46
CA GLY B 93 -30.43 9.04 -3.31
C GLY B 93 -29.61 10.31 -3.44
N ILE B 94 -28.37 10.18 -3.91
CA ILE B 94 -27.51 11.33 -4.06
C ILE B 94 -28.04 12.29 -5.10
N PHE B 95 -28.46 11.78 -6.26
CA PHE B 95 -28.94 12.67 -7.29
C PHE B 95 -30.29 13.28 -6.95
N ALA B 96 -31.18 12.53 -6.29
CA ALA B 96 -32.45 13.09 -5.92
C ALA B 96 -32.23 14.23 -4.94
N CYS B 97 -31.29 14.08 -4.02
CA CYS B 97 -31.04 15.13 -3.05
C CYS B 97 -30.47 16.36 -3.75
N SER B 98 -29.60 16.13 -4.71
CA SER B 98 -29.03 17.21 -5.47
C SER B 98 -30.10 18.00 -6.22
N SER B 99 -31.08 17.31 -6.83
CA SER B 99 -32.13 17.99 -7.57
C SER B 99 -33.08 18.75 -6.67
N LEU B 100 -33.19 18.39 -5.40
CA LEU B 100 -34.05 19.16 -4.52
C LEU B 100 -33.50 20.55 -4.39
N LEU B 101 -32.17 20.66 -4.27
CA LEU B 101 -31.56 22.01 -4.23
C LEU B 101 -31.62 22.71 -5.61
N LEU B 102 -31.29 21.95 -6.67
CA LEU B 102 -31.27 22.36 -8.06
C LEU B 102 -32.66 22.07 -8.63
N GLY B 154 -21.46 26.66 -5.20
CA GLY B 154 -22.39 26.62 -4.08
C GLY B 154 -23.06 25.24 -3.98
N ALA B 155 -23.73 24.82 -5.08
CA ALA B 155 -24.41 23.51 -5.22
C ALA B 155 -23.38 22.41 -5.20
N VAL B 156 -22.15 22.80 -5.48
CA VAL B 156 -21.00 21.93 -5.51
C VAL B 156 -20.77 21.38 -4.12
N TYR B 157 -20.96 22.22 -3.10
CA TYR B 157 -20.73 21.84 -1.72
C TYR B 157 -21.88 21.00 -1.29
N TRP B 158 -23.08 21.36 -1.72
CA TRP B 158 -24.26 20.58 -1.39
C TRP B 158 -24.09 19.17 -1.91
N ILE B 159 -23.72 19.04 -3.19
CA ILE B 159 -23.55 17.74 -3.79
C ILE B 159 -22.43 16.99 -3.14
N SER B 160 -21.29 17.64 -2.90
CA SER B 160 -20.22 16.92 -2.30
C SER B 160 -20.60 16.44 -0.92
N LEU B 161 -21.30 17.25 -0.13
CA LEU B 161 -21.70 16.81 1.19
C LEU B 161 -22.69 15.68 1.16
N VAL B 162 -23.64 15.73 0.24
CA VAL B 162 -24.62 14.68 0.13
C VAL B 162 -23.91 13.42 -0.29
N THR B 163 -22.98 13.55 -1.24
CA THR B 163 -22.24 12.41 -1.73
C THR B 163 -21.41 11.81 -0.63
N TYR B 164 -20.73 12.62 0.18
CA TYR B 164 -19.90 12.09 1.24
C TYR B 164 -20.78 11.42 2.27
N PHE B 165 -21.94 12.02 2.55
CA PHE B 165 -22.91 11.51 3.50
C PHE B 165 -23.39 10.13 3.09
N PHE B 166 -23.82 9.99 1.83
CA PHE B 166 -24.28 8.72 1.35
C PHE B 166 -23.16 7.74 1.16
N LEU B 167 -21.98 8.14 0.71
CA LEU B 167 -20.93 7.15 0.59
C LEU B 167 -20.53 6.65 1.94
N TRP B 168 -20.50 7.52 2.94
CA TRP B 168 -20.12 7.10 4.26
C TRP B 168 -21.11 6.06 4.75
N LYS B 169 -22.41 6.36 4.62
CA LYS B 169 -23.45 5.48 5.11
C LYS B 169 -23.60 4.23 4.28
N ALA B 170 -23.37 4.31 2.98
CA ALA B 170 -23.46 3.18 2.10
C ALA B 170 -22.31 2.23 2.34
N TYR B 171 -21.12 2.76 2.61
CA TYR B 171 -19.96 1.93 2.83
C TYR B 171 -20.20 1.26 4.15
N LYS B 172 -20.73 2.00 5.12
CA LYS B 172 -21.05 1.43 6.41
C LYS B 172 -22.08 0.32 6.29
N HIS B 173 -23.11 0.55 5.47
CA HIS B 173 -24.18 -0.41 5.24
C HIS B 173 -23.67 -1.67 4.59
N VAL B 174 -22.88 -1.54 3.54
CA VAL B 174 -22.36 -2.71 2.86
C VAL B 174 -21.42 -3.43 3.78
N SER B 175 -20.60 -2.73 4.53
CA SER B 175 -19.70 -3.43 5.41
C SER B 175 -20.50 -4.29 6.36
N SER B 176 -21.62 -3.78 6.87
CA SER B 176 -22.51 -4.55 7.75
C SER B 176 -23.16 -5.73 7.04
N LEU B 177 -23.63 -5.51 5.81
CA LEU B 177 -24.28 -6.51 4.99
C LEU B 177 -23.34 -7.65 4.71
N ARG B 178 -22.10 -7.30 4.38
CA ARG B 178 -21.09 -8.26 4.08
C ARG B 178 -20.74 -9.02 5.29
N ALA B 179 -20.57 -8.34 6.42
CA ALA B 179 -20.19 -9.05 7.60
C ALA B 179 -21.25 -10.05 7.97
N GLN B 180 -22.53 -9.68 7.81
CA GLN B 180 -23.61 -10.60 8.15
C GLN B 180 -23.65 -11.78 7.19
N ALA B 181 -23.39 -11.53 5.91
CA ALA B 181 -23.39 -12.58 4.92
C ALA B 181 -22.31 -13.58 5.19
N LEU B 182 -21.16 -13.10 5.65
CA LEU B 182 -20.08 -14.00 5.96
C LEU B 182 -20.39 -14.72 7.24
N MET B 183 -21.02 -14.03 8.17
CA MET B 183 -21.30 -14.57 9.47
C MET B 183 -22.21 -15.78 9.43
N SER B 184 -23.13 -15.82 8.47
CA SER B 184 -24.06 -16.93 8.38
C SER B 184 -23.70 -17.94 7.31
N ALA B 185 -22.54 -17.79 6.70
CA ALA B 185 -22.14 -18.64 5.60
C ALA B 185 -21.90 -20.09 6.01
N ASP B 186 -22.18 -20.99 5.07
CA ASP B 186 -21.97 -22.42 5.21
C ASP B 186 -20.55 -22.80 4.89
N VAL B 187 -20.25 -24.08 4.99
CA VAL B 187 -18.93 -24.56 4.73
C VAL B 187 -18.65 -24.59 3.25
N LYS B 188 -17.56 -23.95 2.85
CA LYS B 188 -17.17 -23.93 1.45
C LYS B 188 -15.67 -24.19 1.31
N PRO B 189 -15.20 -24.89 0.27
CA PRO B 189 -13.79 -25.21 0.02
C PRO B 189 -12.78 -24.08 0.06
N GLU B 190 -13.17 -22.88 -0.36
CA GLU B 190 -12.26 -21.75 -0.38
C GLU B 190 -12.00 -21.17 1.00
N GLN B 191 -12.75 -21.62 1.98
CA GLN B 191 -12.60 -21.12 3.32
C GLN B 191 -11.44 -21.81 4.00
N PHE B 192 -11.01 -22.93 3.44
CA PHE B 192 -9.99 -23.77 4.00
C PHE B 192 -8.77 -23.85 3.11
N ALA B 193 -8.54 -22.89 2.24
CA ALA B 193 -7.41 -23.06 1.34
C ALA B 193 -6.70 -21.80 0.92
N ILE B 194 -5.44 -21.99 0.56
CA ILE B 194 -4.59 -20.94 0.06
C ILE B 194 -3.98 -21.27 -1.28
N LEU B 195 -3.62 -20.26 -2.00
CA LEU B 195 -2.93 -20.41 -3.26
C LEU B 195 -1.45 -20.07 -3.12
N VAL B 196 -0.59 -21.03 -3.43
CA VAL B 196 0.84 -20.87 -3.28
C VAL B 196 1.49 -20.75 -4.64
N ARG B 197 2.29 -19.72 -4.86
CA ARG B 197 2.93 -19.50 -6.14
C ARG B 197 4.43 -19.23 -6.05
N ASP B 198 5.09 -19.25 -7.20
CA ASP B 198 6.53 -18.95 -7.30
C ASP B 198 7.32 -19.92 -6.48
N MET B 199 6.98 -21.18 -6.56
CA MET B 199 7.76 -22.13 -5.85
C MET B 199 9.08 -22.24 -6.60
N PRO B 200 10.20 -22.46 -5.94
CA PRO B 200 11.47 -22.74 -6.51
C PRO B 200 11.47 -24.15 -7.04
N ALA B 201 12.41 -24.44 -7.92
CA ALA B 201 12.54 -25.79 -8.40
C ALA B 201 13.07 -26.64 -7.27
N PRO B 202 12.72 -27.92 -7.21
CA PRO B 202 13.17 -28.88 -6.25
C PRO B 202 14.62 -29.25 -6.49
N PRO B 203 15.32 -29.77 -5.49
CA PRO B 203 16.66 -30.31 -5.57
C PRO B 203 16.63 -31.61 -6.33
N ASP B 204 17.74 -32.00 -6.91
CA ASP B 204 17.75 -33.27 -7.59
C ASP B 204 17.41 -34.38 -6.63
N GLY B 205 16.61 -35.33 -7.10
CA GLY B 205 16.20 -36.49 -6.32
C GLY B 205 14.82 -36.35 -5.71
N GLN B 206 14.25 -35.14 -5.74
CA GLN B 206 12.95 -34.88 -5.17
C GLN B 206 12.05 -34.24 -6.23
N THR B 207 10.75 -34.55 -6.24
CA THR B 207 9.87 -33.92 -7.22
C THR B 207 9.20 -32.67 -6.69
N GLN B 208 8.41 -32.01 -7.52
CA GLN B 208 7.81 -30.74 -7.11
C GLN B 208 6.80 -30.90 -5.97
N LYS B 209 6.05 -31.99 -5.98
CA LYS B 209 5.05 -32.20 -4.96
C LYS B 209 5.68 -32.44 -3.63
N GLU B 210 6.71 -33.27 -3.62
CA GLU B 210 7.36 -33.61 -2.39
C GLU B 210 7.97 -32.40 -1.76
N PHE B 211 8.52 -31.56 -2.61
CA PHE B 211 9.15 -30.36 -2.19
C PHE B 211 8.14 -29.44 -1.51
N ILE B 212 6.97 -29.21 -2.11
CA ILE B 212 5.96 -28.39 -1.41
C ILE B 212 5.40 -29.01 -0.15
N ASP B 213 5.21 -30.32 -0.12
CA ASP B 213 4.70 -30.91 1.08
C ASP B 213 5.69 -30.70 2.19
N SER B 214 6.99 -30.82 1.87
CA SER B 214 8.01 -30.64 2.87
C SER B 214 8.03 -29.22 3.39
N TYR B 215 7.97 -28.24 2.49
CA TYR B 215 8.03 -26.86 2.89
C TYR B 215 6.90 -26.47 3.86
N PHE B 216 5.65 -26.83 3.52
CA PHE B 216 4.54 -26.46 4.37
C PHE B 216 4.43 -27.29 5.61
N ARG B 217 4.81 -28.55 5.58
CA ARG B 217 4.73 -29.31 6.79
C ARG B 217 5.67 -28.76 7.83
N GLU B 218 6.83 -28.26 7.44
CA GLU B 218 7.70 -27.72 8.46
C GLU B 218 7.09 -26.49 9.10
N ILE B 219 6.42 -25.63 8.31
CA ILE B 219 5.82 -24.43 8.88
C ILE B 219 4.53 -24.69 9.68
N TYR B 220 3.68 -25.54 9.13
CA TYR B 220 2.40 -25.89 9.70
C TYR B 220 2.29 -27.39 9.84
N PRO B 221 3.02 -28.04 10.76
CA PRO B 221 3.06 -29.48 10.90
C PRO B 221 1.76 -30.15 11.30
N GLU B 222 0.82 -29.42 11.95
CA GLU B 222 -0.44 -30.07 12.29
C GLU B 222 -1.56 -29.63 11.37
N THR B 223 -1.62 -28.36 11.07
CA THR B 223 -2.67 -27.81 10.25
C THR B 223 -2.28 -27.82 8.80
N PHE B 224 -2.08 -28.99 8.26
CA PHE B 224 -1.73 -29.13 6.85
C PHE B 224 -2.39 -30.38 6.35
N TYR B 225 -3.16 -30.26 5.27
CA TYR B 225 -3.88 -31.41 4.77
C TYR B 225 -3.38 -31.89 3.43
N ARG B 226 -3.36 -31.00 2.45
CA ARG B 226 -3.01 -31.37 1.08
C ARG B 226 -2.36 -30.28 0.32
N SER B 227 -1.70 -30.68 -0.75
CA SER B 227 -1.14 -29.74 -1.71
C SER B 227 -1.38 -30.28 -3.12
N LEU B 228 -2.14 -29.54 -3.90
CA LEU B 228 -2.49 -29.92 -5.25
C LEU B 228 -1.66 -29.15 -6.23
N VAL B 229 -0.71 -29.81 -6.87
CA VAL B 229 0.18 -29.06 -7.75
C VAL B 229 -0.56 -28.68 -9.02
N ALA B 230 -0.41 -27.43 -9.41
CA ALA B 230 -1.12 -26.88 -10.54
C ALA B 230 -0.52 -27.26 -11.88
N THR B 231 -0.61 -28.56 -12.25
CA THR B 231 -0.06 -29.14 -13.47
C THR B 231 -0.91 -28.75 -14.68
N UNK B 234 -1.39 -28.53 -18.56
CA UNK B 234 -2.18 -29.63 -19.09
C UNK B 234 -3.26 -29.15 -20.10
N UNK B 235 -2.97 -28.04 -20.83
CA UNK B 235 -3.86 -27.43 -21.84
C UNK B 235 -4.16 -28.36 -23.00
N UNK B 236 -3.18 -29.16 -23.40
CA UNK B 236 -3.41 -30.08 -24.49
C UNK B 236 -4.42 -31.12 -24.08
N UNK B 237 -4.35 -31.54 -22.81
CA UNK B 237 -5.25 -32.56 -22.30
C UNK B 237 -6.62 -32.00 -22.19
N UNK B 238 -6.72 -30.76 -21.78
CA UNK B 238 -8.03 -30.15 -21.65
C UNK B 238 -8.71 -30.02 -22.99
N UNK B 239 -7.94 -29.63 -24.00
CA UNK B 239 -8.50 -29.43 -25.33
C UNK B 239 -8.92 -30.73 -25.97
N UNK B 240 -8.08 -31.75 -25.84
CA UNK B 240 -8.38 -33.01 -26.43
C UNK B 240 -9.52 -33.69 -25.68
N UNK B 241 -9.57 -33.50 -24.36
CA UNK B 241 -10.62 -34.08 -23.55
C UNK B 241 -11.94 -33.46 -23.92
N UNK B 242 -11.95 -32.15 -24.19
CA UNK B 242 -13.18 -31.50 -24.59
C UNK B 242 -13.67 -32.05 -25.91
N UNK B 243 -12.73 -32.31 -26.83
CA UNK B 243 -13.11 -32.87 -28.11
C UNK B 243 -13.70 -34.25 -27.94
N UNK B 244 -13.14 -35.03 -27.02
CA UNK B 244 -13.64 -36.36 -26.76
C UNK B 244 -15.02 -36.31 -26.13
N UNK B 245 -15.23 -35.35 -25.25
CA UNK B 245 -16.54 -35.20 -24.62
C UNK B 245 -17.64 -34.84 -25.64
N UNK B 246 -17.31 -34.01 -26.66
CA UNK B 246 -18.16 -33.54 -27.74
C UNK B 246 -18.56 -34.72 -28.63
N UNK B 280 -22.39 -43.72 -39.21
CA UNK B 280 -21.67 -43.90 -37.95
C UNK B 280 -20.30 -43.15 -37.92
N UNK B 281 -20.06 -42.20 -38.86
CA UNK B 281 -18.83 -41.39 -38.97
C UNK B 281 -18.59 -40.58 -37.69
N UNK B 282 -19.68 -40.15 -37.08
CA UNK B 282 -19.61 -39.42 -35.83
C UNK B 282 -19.02 -40.28 -34.71
N UNK B 283 -19.32 -41.60 -34.74
CA UNK B 283 -18.82 -42.47 -33.68
C UNK B 283 -17.34 -42.67 -33.89
N UNK B 284 -16.96 -42.76 -35.16
CA UNK B 284 -15.55 -42.93 -35.50
C UNK B 284 -14.76 -41.70 -35.06
N UNK B 285 -15.37 -40.52 -35.26
CA UNK B 285 -14.74 -39.28 -34.88
C UNK B 285 -14.59 -39.21 -33.38
N UNK B 286 -15.61 -39.69 -32.66
CA UNK B 286 -15.56 -39.69 -31.21
C UNK B 286 -14.44 -40.60 -30.71
N UNK B 287 -14.27 -41.75 -31.36
CA UNK B 287 -13.22 -42.66 -30.96
C UNK B 287 -11.85 -42.04 -31.17
N UNK B 288 -11.68 -41.32 -32.29
CA UNK B 288 -10.42 -40.67 -32.57
C UNK B 288 -10.13 -39.58 -31.56
N UNK B 289 -11.18 -38.84 -31.17
CA UNK B 289 -11.03 -37.78 -30.21
C UNK B 289 -10.63 -38.34 -28.86
N UNK B 290 -11.20 -39.49 -28.49
CA UNK B 290 -10.87 -40.12 -27.22
C UNK B 290 -9.41 -40.56 -27.22
N UNK B 291 -8.94 -41.06 -28.36
CA UNK B 291 -7.55 -41.46 -28.46
C UNK B 291 -6.62 -40.26 -28.31
N UNK B 292 -7.03 -39.13 -28.90
CA UNK B 292 -6.24 -37.91 -28.80
C UNK B 292 -6.19 -37.45 -27.37
N UNK B 293 -7.30 -37.59 -26.65
CA UNK B 293 -7.36 -37.20 -25.27
C UNK B 293 -6.42 -38.04 -24.45
N UNK B 294 -6.35 -39.34 -24.73
CA UNK B 294 -5.45 -40.18 -23.98
C UNK B 294 -3.99 -39.78 -24.22
N UNK B 295 -3.65 -39.44 -25.46
CA UNK B 295 -2.29 -39.04 -25.78
C UNK B 295 -1.92 -37.74 -25.09
N UNK B 296 -2.86 -36.80 -25.08
CA UNK B 296 -2.63 -35.52 -24.47
C UNK B 296 -2.51 -35.66 -22.96
N UNK B 297 -3.28 -36.60 -22.39
CA UNK B 297 -3.22 -36.85 -20.96
C UNK B 297 -1.85 -37.37 -20.59
N UNK B 298 -1.26 -38.21 -21.45
CA UNK B 298 0.07 -38.73 -21.19
C UNK B 298 1.09 -37.59 -21.17
N UNK B 299 0.93 -36.62 -22.08
CA UNK B 299 1.84 -35.48 -22.11
C UNK B 299 1.70 -34.66 -20.82
N UNK B 300 0.46 -34.51 -20.35
CA UNK B 300 0.22 -33.78 -19.13
C UNK B 300 0.86 -34.50 -17.95
N UNK B 301 0.81 -35.83 -17.96
CA UNK B 301 1.41 -36.62 -16.91
C UNK B 301 2.93 -36.43 -16.88
N UNK B 302 3.53 -36.33 -18.08
CA UNK B 302 4.97 -36.12 -18.22
C UNK B 302 5.45 -34.78 -17.60
N UNK B 303 4.62 -33.71 -17.69
CA UNK B 303 4.86 -32.37 -17.17
C UNK B 303 4.91 -32.41 -15.64
N GLN B 307 9.34 -28.31 -14.55
CA GLN B 307 8.75 -28.38 -13.22
C GLN B 307 7.69 -27.28 -13.11
N GLN B 308 6.73 -27.45 -12.16
CA GLN B 308 5.60 -26.54 -11.93
C GLN B 308 5.94 -25.58 -10.80
N THR B 309 5.30 -24.41 -10.78
CA THR B 309 5.61 -23.45 -9.74
C THR B 309 4.46 -23.06 -8.84
N ALA B 310 3.31 -23.74 -8.92
CA ALA B 310 2.19 -23.35 -8.07
C ALA B 310 1.39 -24.53 -7.59
N ALA B 311 0.71 -24.37 -6.47
CA ALA B 311 -0.12 -25.39 -5.89
C ALA B 311 -1.21 -24.82 -5.01
N VAL B 312 -2.28 -25.58 -4.81
CA VAL B 312 -3.31 -25.15 -3.88
C VAL B 312 -3.14 -25.95 -2.61
N VAL B 313 -3.06 -25.25 -1.50
CA VAL B 313 -2.83 -25.88 -0.20
C VAL B 313 -4.03 -25.79 0.72
N PHE B 314 -4.36 -26.91 1.29
CA PHE B 314 -5.52 -27.02 2.14
C PHE B 314 -5.16 -27.16 3.58
N PHE B 315 -5.96 -26.50 4.41
CA PHE B 315 -5.91 -26.44 5.86
C PHE B 315 -7.06 -27.16 6.47
N THR B 316 -6.90 -27.51 7.72
CA THR B 316 -7.91 -28.26 8.41
C THR B 316 -8.92 -27.38 9.08
N THR B 317 -8.68 -26.10 9.03
CA THR B 317 -9.55 -25.13 9.65
C THR B 317 -9.53 -23.78 8.99
N ARG B 318 -10.66 -23.10 9.09
CA ARG B 318 -10.84 -21.78 8.55
C ARG B 318 -9.90 -20.80 9.18
N VAL B 319 -9.65 -20.99 10.46
CA VAL B 319 -8.79 -20.04 11.16
C VAL B 319 -7.37 -20.15 10.64
N ALA B 320 -6.87 -21.37 10.50
CA ALA B 320 -5.53 -21.56 9.99
C ALA B 320 -5.38 -21.07 8.58
N ALA B 321 -6.38 -21.30 7.73
CA ALA B 321 -6.26 -20.85 6.36
C ALA B 321 -6.28 -19.37 6.30
N ALA B 322 -7.12 -18.76 7.10
CA ALA B 322 -7.22 -17.33 7.10
C ALA B 322 -5.91 -16.73 7.51
N SER B 323 -5.26 -17.31 8.51
CA SER B 323 -4.00 -16.78 8.94
C SER B 323 -2.90 -17.08 7.94
N ALA B 324 -2.88 -18.27 7.34
CA ALA B 324 -1.81 -18.59 6.41
C ALA B 324 -1.79 -17.66 5.24
N ALA B 325 -2.95 -17.29 4.76
CA ALA B 325 -3.07 -16.43 3.62
C ALA B 325 -2.62 -15.03 3.89
N GLN B 326 -2.49 -14.67 5.14
CA GLN B 326 -2.11 -13.34 5.51
C GLN B 326 -0.63 -13.28 5.89
N SER B 327 0.07 -14.42 5.90
CA SER B 327 1.43 -14.43 6.44
C SER B 327 2.55 -14.56 5.41
N LEU B 328 3.74 -14.10 5.79
CA LEU B 328 4.98 -14.24 5.02
C LEU B 328 5.63 -15.58 5.29
N HIS B 329 5.86 -16.39 4.26
CA HIS B 329 6.45 -17.70 4.52
C HIS B 329 7.97 -17.74 4.41
N CYS B 330 8.55 -16.99 3.48
CA CYS B 330 10.00 -16.92 3.31
C CYS B 330 10.58 -15.55 3.45
N GLN B 331 11.83 -15.49 3.91
CA GLN B 331 12.50 -14.21 3.96
C GLN B 331 12.70 -13.69 2.57
N MET B 332 12.84 -14.58 1.62
CA MET B 332 12.94 -14.16 0.24
C MET B 332 11.51 -13.94 -0.18
N VAL B 333 11.18 -12.72 -0.47
CA VAL B 333 9.83 -12.34 -0.75
C VAL B 333 9.29 -13.05 -1.97
N ASP B 334 10.14 -13.26 -2.97
CA ASP B 334 9.73 -13.86 -4.21
C ASP B 334 9.66 -15.38 -4.21
N LYS B 335 9.84 -16.03 -3.08
CA LYS B 335 9.72 -17.48 -3.08
C LYS B 335 8.52 -17.91 -2.27
N TRP B 336 7.78 -18.86 -2.79
CA TRP B 336 6.64 -19.39 -2.08
C TRP B 336 5.70 -18.29 -1.61
N THR B 337 5.11 -17.56 -2.54
CA THR B 337 4.23 -16.46 -2.17
C THR B 337 2.84 -17.01 -1.92
N VAL B 338 2.15 -16.52 -0.90
CA VAL B 338 0.85 -17.06 -0.56
C VAL B 338 -0.30 -16.07 -0.46
N THR B 339 -1.44 -16.42 -1.07
CA THR B 339 -2.70 -15.66 -0.99
C THR B 339 -3.90 -16.57 -0.68
N GLU B 340 -5.10 -16.04 -0.50
CA GLU B 340 -6.27 -16.90 -0.24
C GLU B 340 -6.68 -17.60 -1.51
N ALA B 341 -7.06 -18.86 -1.44
CA ALA B 341 -7.47 -19.52 -2.66
C ALA B 341 -8.77 -18.93 -3.16
N PRO B 342 -8.93 -18.70 -4.45
CA PRO B 342 -10.15 -18.33 -5.10
C PRO B 342 -11.16 -19.43 -5.01
N GLU B 343 -12.41 -19.07 -5.06
CA GLU B 343 -13.52 -20.00 -5.12
C GLU B 343 -13.20 -20.98 -6.22
N PRO B 344 -13.42 -22.28 -6.11
CA PRO B 344 -13.10 -23.23 -7.16
C PRO B 344 -13.63 -22.82 -8.53
N ARG B 345 -14.81 -22.19 -8.55
CA ARG B 345 -15.45 -21.76 -9.79
C ARG B 345 -14.76 -20.60 -10.44
N GLN B 346 -13.92 -19.93 -9.70
CA GLN B 346 -13.20 -18.78 -10.15
C GLN B 346 -11.74 -19.03 -10.42
N LEU B 347 -11.20 -20.22 -10.22
CA LEU B 347 -9.76 -20.31 -10.33
C LEU B 347 -9.24 -20.41 -11.76
N LEU B 348 -8.40 -19.44 -12.12
CA LEU B 348 -7.84 -19.32 -13.46
C LEU B 348 -6.56 -20.09 -13.56
N TRP B 349 -6.72 -21.40 -13.68
CA TRP B 349 -5.64 -22.37 -13.63
C TRP B 349 -4.51 -22.14 -14.58
N GLN B 350 -4.78 -21.60 -15.74
CA GLN B 350 -3.72 -21.41 -16.72
C GLN B 350 -2.68 -20.38 -16.30
N ASN B 351 -3.01 -19.52 -15.34
CA ASN B 351 -2.11 -18.49 -14.91
C ASN B 351 -1.35 -18.80 -13.65
N LEU B 352 -1.52 -19.99 -13.11
CA LEU B 352 -0.92 -20.20 -11.82
C LEU B 352 0.56 -20.47 -11.87
N ASN B 353 1.09 -20.87 -13.02
CA ASN B 353 2.50 -21.16 -13.10
C ASN B 353 3.29 -19.99 -13.65
N ILE B 354 2.68 -18.81 -13.71
CA ILE B 354 3.47 -17.68 -14.15
C ILE B 354 4.20 -17.17 -12.92
N LYS B 355 5.53 -17.07 -13.02
CA LYS B 355 6.38 -16.65 -11.91
C LYS B 355 6.30 -15.17 -11.67
N LEU B 356 6.52 -14.74 -10.44
CA LEU B 356 6.52 -13.33 -10.08
C LEU B 356 7.13 -12.44 -11.07
N PHE B 357 8.32 -12.70 -11.53
CA PHE B 357 8.86 -11.69 -12.41
C PHE B 357 8.26 -11.70 -13.79
N SER B 358 7.72 -12.83 -14.21
CA SER B 358 7.07 -12.89 -15.49
C SER B 358 5.77 -12.14 -15.32
N ARG B 359 5.16 -12.21 -14.11
CA ARG B 359 3.91 -11.51 -13.85
C ARG B 359 4.19 -10.02 -13.89
N ILE B 360 5.33 -9.60 -13.36
CA ILE B 360 5.69 -8.20 -13.37
C ILE B 360 5.86 -7.74 -14.80
N ILE B 361 6.54 -8.55 -15.63
CA ILE B 361 6.74 -8.20 -17.03
C ILE B 361 5.43 -8.12 -17.76
N ARG B 362 4.55 -9.10 -17.57
CA ARG B 362 3.26 -9.09 -18.22
C ARG B 362 2.48 -7.90 -17.79
N GLN B 363 2.52 -7.52 -16.52
CA GLN B 363 1.77 -6.36 -16.11
C GLN B 363 2.28 -5.14 -16.78
N TYR B 364 3.58 -4.98 -16.92
CA TYR B 364 4.00 -3.76 -17.58
C TYR B 364 3.67 -3.74 -19.05
N PHE B 365 3.77 -4.88 -19.74
CA PHE B 365 3.43 -4.89 -21.15
C PHE B 365 1.94 -4.77 -21.40
N ILE B 366 1.13 -5.34 -20.53
CA ILE B 366 -0.31 -5.27 -20.66
C ILE B 366 -0.80 -3.91 -20.30
N TYR B 367 -0.31 -3.33 -19.21
CA TYR B 367 -0.73 -2.01 -18.84
C TYR B 367 -0.33 -1.08 -19.94
N PHE B 368 0.86 -1.30 -20.51
CA PHE B 368 1.35 -0.53 -21.62
C PHE B 368 0.42 -0.65 -22.82
N PHE B 369 0.07 -1.88 -23.18
CA PHE B 369 -0.83 -2.16 -24.30
C PHE B 369 -2.13 -1.43 -24.12
N VAL B 370 -2.69 -1.49 -22.91
CA VAL B 370 -3.94 -0.83 -22.62
C VAL B 370 -3.81 0.65 -22.79
N ALA B 371 -2.74 1.25 -22.30
CA ALA B 371 -2.58 2.67 -22.50
C ALA B 371 -2.53 3.00 -23.98
N VAL B 372 -1.90 2.14 -24.79
CA VAL B 372 -1.85 2.33 -26.23
C VAL B 372 -3.25 2.20 -26.83
N THR B 373 -4.03 1.22 -26.37
CA THR B 373 -5.39 1.00 -26.84
C THR B 373 -6.23 2.23 -26.55
N ILE B 374 -6.06 2.82 -25.36
CA ILE B 374 -6.78 4.03 -24.99
C ILE B 374 -6.43 5.09 -26.00
N LEU B 375 -5.16 5.21 -26.37
CA LEU B 375 -4.84 6.21 -27.36
C LEU B 375 -5.47 5.91 -28.74
N PHE B 376 -5.52 4.66 -29.18
CA PHE B 376 -6.15 4.41 -30.49
C PHE B 376 -7.65 4.65 -30.48
N TYR B 377 -8.28 4.44 -29.33
CA TYR B 377 -9.72 4.70 -29.15
C TYR B 377 -10.05 6.17 -29.28
N MET B 378 -9.06 7.05 -29.29
CA MET B 378 -9.33 8.45 -29.46
C MET B 378 -9.89 8.67 -30.86
N ILE B 379 -9.59 7.78 -31.81
CA ILE B 379 -10.06 7.90 -33.18
C ILE B 379 -11.58 7.61 -33.30
N PRO B 380 -12.11 6.44 -32.85
CA PRO B 380 -13.53 6.18 -32.73
C PRO B 380 -14.27 7.28 -31.96
N ILE B 381 -13.63 7.84 -30.94
CA ILE B 381 -14.29 8.91 -30.23
C ILE B 381 -14.38 10.14 -31.08
N ALA B 382 -13.30 10.47 -31.79
CA ALA B 382 -13.34 11.63 -32.64
C ALA B 382 -14.46 11.49 -33.65
N PHE B 383 -14.67 10.27 -34.16
CA PHE B 383 -15.74 9.98 -35.11
C PHE B 383 -17.11 10.29 -34.48
N VAL B 384 -17.35 9.79 -33.26
CA VAL B 384 -18.63 10.02 -32.60
C VAL B 384 -18.92 11.48 -32.35
N SER B 385 -17.91 12.21 -31.86
CA SER B 385 -18.10 13.61 -31.58
C SER B 385 -18.24 14.44 -32.84
N ALA B 386 -17.49 14.10 -33.88
CA ALA B 386 -17.56 14.85 -35.13
C ALA B 386 -18.93 14.74 -35.77
N ILE B 387 -19.55 13.58 -35.67
CA ILE B 387 -20.87 13.41 -36.28
C ILE B 387 -21.94 14.27 -35.60
N THR B 388 -21.98 14.31 -34.24
CA THR B 388 -22.93 15.08 -33.43
C THR B 388 -22.91 16.56 -33.86
N ARG B 410 -30.10 14.35 -42.28
CA ARG B 410 -29.20 14.85 -41.25
C ARG B 410 -29.58 14.26 -39.88
N THR B 411 -30.86 14.46 -39.45
CA THR B 411 -31.45 14.04 -38.16
C THR B 411 -31.33 12.55 -37.99
N VAL B 412 -31.53 11.83 -39.07
CA VAL B 412 -31.45 10.39 -39.08
C VAL B 412 -30.06 9.91 -38.66
N LEU B 413 -29.02 10.74 -38.82
CA LEU B 413 -27.72 10.33 -38.40
C LEU B 413 -27.44 10.91 -37.04
N GLU B 414 -27.75 12.19 -36.82
CA GLU B 414 -27.42 12.80 -35.54
C GLU B 414 -28.11 12.16 -34.36
N SER B 415 -29.34 11.69 -34.56
CA SER B 415 -30.14 11.07 -33.53
C SER B 415 -29.81 9.65 -33.24
N PHE B 416 -29.07 8.99 -34.13
CA PHE B 416 -28.83 7.58 -33.96
C PHE B 416 -27.40 7.13 -34.11
N LEU B 417 -26.68 7.67 -35.08
CA LEU B 417 -25.36 7.16 -35.39
C LEU B 417 -24.33 7.47 -34.30
N PRO B 418 -24.16 8.69 -33.77
CA PRO B 418 -23.18 8.93 -32.75
C PRO B 418 -23.34 7.95 -31.61
N GLN B 419 -24.59 7.64 -31.28
CA GLN B 419 -24.83 6.75 -30.18
C GLN B 419 -24.59 5.33 -30.56
N ILE B 420 -25.00 4.93 -31.75
CA ILE B 420 -24.79 3.56 -32.13
C ILE B 420 -23.32 3.26 -32.28
N ALA B 421 -22.59 4.14 -32.92
CA ALA B 421 -21.17 3.92 -33.09
C ALA B 421 -20.48 3.88 -31.74
N LEU B 422 -20.85 4.76 -30.81
CA LEU B 422 -20.19 4.74 -29.52
C LEU B 422 -20.46 3.42 -28.84
N ILE B 423 -21.69 2.92 -28.96
CA ILE B 423 -22.03 1.65 -28.38
C ILE B 423 -21.23 0.53 -29.01
N VAL B 424 -21.12 0.50 -30.34
CA VAL B 424 -20.38 -0.56 -31.01
C VAL B 424 -18.92 -0.60 -30.65
N PHE B 425 -18.26 0.54 -30.57
CA PHE B 425 -16.87 0.50 -30.24
C PHE B 425 -16.63 0.10 -28.79
N LEU B 426 -17.44 0.65 -27.89
CA LEU B 426 -17.26 0.35 -26.48
C LEU B 426 -17.65 -1.06 -26.16
N ALA B 427 -18.57 -1.61 -26.92
CA ALA B 427 -19.06 -2.96 -26.74
C ALA B 427 -17.98 -3.99 -26.94
N MET B 428 -16.89 -3.65 -27.64
CA MET B 428 -15.85 -4.62 -27.87
C MET B 428 -14.80 -4.62 -26.76
N LEU B 429 -14.87 -3.63 -25.87
CA LEU B 429 -13.88 -3.53 -24.85
C LEU B 429 -13.96 -4.59 -23.80
N PRO B 430 -15.10 -4.95 -23.23
CA PRO B 430 -15.15 -5.95 -22.19
C PRO B 430 -14.48 -7.24 -22.58
N LYS B 431 -14.57 -7.63 -23.85
CA LYS B 431 -13.95 -8.89 -24.24
C LYS B 431 -12.45 -8.75 -24.23
N LEU B 432 -11.95 -7.67 -24.80
CA LEU B 432 -10.51 -7.47 -24.82
C LEU B 432 -9.95 -7.26 -23.47
N LEU B 433 -10.62 -6.47 -22.66
CA LEU B 433 -10.10 -6.11 -21.38
C LEU B 433 -10.10 -7.29 -20.46
N LEU B 434 -11.12 -8.15 -20.51
CA LEU B 434 -11.08 -9.29 -19.63
C LEU B 434 -9.97 -10.24 -20.07
N PHE B 435 -9.76 -10.41 -21.39
CA PHE B 435 -8.66 -11.23 -21.88
C PHE B 435 -7.32 -10.72 -21.39
N LEU B 436 -7.10 -9.42 -21.53
CA LEU B 436 -5.85 -8.85 -21.12
C LEU B 436 -5.66 -9.01 -19.65
N SER B 437 -6.72 -8.89 -18.85
CA SER B 437 -6.55 -9.05 -17.43
C SER B 437 -6.15 -10.47 -17.11
N LYS B 438 -6.77 -11.45 -17.74
CA LYS B 438 -6.39 -12.83 -17.44
C LYS B 438 -4.92 -13.07 -17.81
N ALA B 439 -4.47 -12.43 -18.87
CA ALA B 439 -3.12 -12.54 -19.40
C ALA B 439 -2.05 -11.95 -18.48
N GLU B 440 -2.45 -11.21 -17.43
CA GLU B 440 -1.51 -10.61 -16.49
C GLU B 440 -1.10 -11.63 -15.46
N GLY B 441 -1.73 -12.79 -15.45
CA GLY B 441 -1.39 -13.78 -14.45
C GLY B 441 -2.29 -13.76 -13.23
N ILE B 442 -3.47 -13.19 -13.38
CA ILE B 442 -4.44 -13.14 -12.30
C ILE B 442 -4.99 -14.53 -11.96
N PRO B 443 -4.99 -14.95 -10.70
CA PRO B 443 -5.50 -16.22 -10.27
C PRO B 443 -7.02 -16.37 -10.18
N SER B 444 -7.80 -15.29 -10.25
CA SER B 444 -9.21 -15.51 -10.07
C SER B 444 -10.09 -14.70 -10.99
N GLN B 445 -11.24 -15.28 -11.28
CA GLN B 445 -12.23 -14.67 -12.16
C GLN B 445 -12.82 -13.41 -11.61
N SER B 446 -13.12 -13.31 -10.32
CA SER B 446 -13.70 -12.05 -9.87
C SER B 446 -12.67 -10.97 -9.86
N HIS B 447 -11.40 -11.32 -9.72
CA HIS B 447 -10.37 -10.31 -9.71
C HIS B 447 -10.17 -9.87 -11.13
N ALA B 448 -10.16 -10.80 -12.08
CA ALA B 448 -9.97 -10.47 -13.47
C ALA B 448 -11.09 -9.55 -13.93
N ILE B 449 -12.30 -9.76 -13.42
CA ILE B 449 -13.44 -8.91 -13.73
C ILE B 449 -13.27 -7.54 -13.14
N ARG B 450 -12.85 -7.44 -11.87
CA ARG B 450 -12.66 -6.12 -11.32
C ARG B 450 -11.58 -5.42 -12.09
N ALA B 451 -10.52 -6.13 -12.46
CA ALA B 451 -9.46 -5.55 -13.23
C ALA B 451 -9.95 -5.10 -14.59
N ALA B 452 -10.83 -5.87 -15.22
CA ALA B 452 -11.37 -5.46 -16.50
C ALA B 452 -12.19 -4.21 -16.36
N SER B 453 -12.95 -4.10 -15.27
CA SER B 453 -13.77 -2.94 -15.00
C SER B 453 -12.89 -1.75 -14.73
N GLY B 454 -11.76 -1.98 -14.09
CA GLY B 454 -10.79 -0.96 -13.79
C GLY B 454 -10.25 -0.37 -15.09
N LYS B 455 -9.88 -1.25 -16.02
CA LYS B 455 -9.36 -0.79 -17.29
C LYS B 455 -10.44 -0.05 -18.06
N TYR B 456 -11.66 -0.56 -17.99
CA TYR B 456 -12.77 0.04 -18.69
C TYR B 456 -12.97 1.44 -18.17
N PHE B 457 -12.90 1.61 -16.85
CA PHE B 457 -13.07 2.90 -16.21
C PHE B 457 -12.09 3.86 -16.83
N TYR B 458 -10.86 3.45 -17.03
CA TYR B 458 -9.95 4.40 -17.64
C TYR B 458 -10.43 4.82 -19.04
N PHE B 459 -11.12 3.95 -19.79
CA PHE B 459 -11.67 4.39 -21.09
C PHE B 459 -12.89 5.30 -20.84
N SER B 460 -13.67 4.99 -19.81
CA SER B 460 -14.85 5.78 -19.48
C SER B 460 -14.46 7.20 -19.16
N VAL B 461 -13.30 7.36 -18.54
CA VAL B 461 -12.79 8.66 -18.20
C VAL B 461 -12.02 9.30 -19.37
N PHE B 462 -11.07 8.61 -19.99
CA PHE B 462 -10.24 9.26 -21.00
C PHE B 462 -10.75 9.24 -22.43
N ASN B 463 -11.61 8.29 -22.77
CA ASN B 463 -12.14 8.22 -24.12
C ASN B 463 -13.56 8.73 -24.17
N VAL B 464 -14.37 8.50 -23.14
CA VAL B 464 -15.74 8.97 -23.28
C VAL B 464 -15.99 10.27 -22.56
N PHE B 465 -15.82 10.36 -21.24
CA PHE B 465 -16.10 11.66 -20.65
C PHE B 465 -15.18 12.72 -21.17
N ILE B 466 -13.87 12.53 -21.02
CA ILE B 466 -12.95 13.54 -21.49
C ILE B 466 -12.93 13.55 -22.99
N GLY B 467 -12.87 12.39 -23.60
CA GLY B 467 -12.76 12.34 -25.04
C GLY B 467 -13.91 13.01 -25.77
N VAL B 468 -15.17 12.65 -25.47
CA VAL B 468 -16.31 13.23 -26.14
C VAL B 468 -16.44 14.68 -25.77
N THR B 469 -16.28 15.01 -24.50
CA THR B 469 -16.42 16.37 -24.10
C THR B 469 -15.41 17.26 -24.77
N LEU B 470 -14.15 16.85 -24.81
CA LEU B 470 -13.15 17.68 -25.41
C LEU B 470 -13.31 17.78 -26.90
N ALA B 471 -13.51 16.67 -27.58
CA ALA B 471 -13.65 16.76 -29.00
C ALA B 471 -14.83 17.62 -29.36
N GLY B 472 -15.92 17.53 -28.60
CA GLY B 472 -17.09 18.34 -28.87
C GLY B 472 -16.80 19.82 -28.71
N THR B 473 -16.08 20.16 -27.65
CA THR B 473 -15.74 21.54 -27.34
C THR B 473 -14.88 22.14 -28.44
N LEU B 474 -13.98 21.33 -28.98
CA LEU B 474 -13.05 21.75 -30.01
C LEU B 474 -13.70 21.96 -31.36
N PHE B 475 -14.98 21.60 -31.52
CA PHE B 475 -15.68 21.87 -32.78
C PHE B 475 -16.55 23.16 -32.75
N ASN B 476 -16.44 23.97 -31.66
CA ASN B 476 -17.12 25.26 -31.45
C ASN B 476 -16.33 26.04 -30.41
N MET B 489 -10.75 36.07 -25.38
CA MET B 489 -12.04 35.55 -24.91
C MET B 489 -12.23 34.04 -25.23
N ILE B 490 -11.12 33.29 -25.35
CA ILE B 490 -11.08 31.84 -25.57
C ILE B 490 -11.65 31.09 -24.40
N ILE B 491 -11.28 31.51 -23.21
CA ILE B 491 -11.78 30.80 -22.05
C ILE B 491 -13.29 30.97 -21.95
N ASN B 492 -13.81 32.17 -22.21
CA ASN B 492 -15.25 32.40 -22.16
C ASN B 492 -15.99 31.51 -23.17
N LEU B 493 -15.41 31.37 -24.36
CA LEU B 493 -15.99 30.53 -25.39
C LEU B 493 -16.02 29.08 -24.98
N LEU B 494 -14.92 28.60 -24.42
CA LEU B 494 -14.87 27.23 -24.03
C LEU B 494 -15.87 26.97 -22.90
N ALA B 495 -16.01 27.92 -21.97
CA ALA B 495 -16.94 27.71 -20.88
C ALA B 495 -18.37 27.57 -21.37
N THR B 496 -18.76 28.38 -22.37
CA THR B 496 -20.10 28.33 -22.93
C THR B 496 -20.33 27.06 -23.74
N SER B 497 -19.31 26.65 -24.50
CA SER B 497 -19.36 25.45 -25.33
C SER B 497 -19.48 24.14 -24.55
N LEU B 498 -18.70 23.98 -23.49
CA LEU B 498 -18.71 22.76 -22.72
C LEU B 498 -20.10 22.20 -22.36
N PRO B 499 -21.03 22.93 -21.74
CA PRO B 499 -22.35 22.47 -21.35
C PRO B 499 -23.19 21.92 -22.49
N LYS B 500 -22.87 22.27 -23.73
CA LYS B 500 -23.72 21.82 -24.81
C LYS B 500 -23.53 20.36 -25.14
N SER B 501 -22.44 19.76 -24.68
CA SER B 501 -22.20 18.35 -24.94
C SER B 501 -23.15 17.50 -24.14
N ALA B 502 -23.76 18.10 -23.12
CA ALA B 502 -24.65 17.39 -22.26
C ALA B 502 -25.84 16.85 -23.03
N THR B 503 -26.28 17.53 -24.11
CA THR B 503 -27.43 17.07 -24.87
C THR B 503 -27.15 15.70 -25.45
N PHE B 504 -25.93 15.49 -25.97
CA PHE B 504 -25.53 14.19 -26.49
C PHE B 504 -25.66 13.17 -25.41
N PHE B 505 -25.13 13.51 -24.24
CA PHE B 505 -25.16 12.58 -23.16
C PHE B 505 -26.57 12.33 -22.67
N LEU B 506 -27.48 13.31 -22.71
CA LEU B 506 -28.83 13.07 -22.24
C LEU B 506 -29.45 12.03 -23.15
N THR B 507 -29.17 12.15 -24.45
CA THR B 507 -29.67 11.21 -25.43
C THR B 507 -29.13 9.83 -25.20
N TYR B 508 -27.83 9.74 -24.95
CA TYR B 508 -27.16 8.48 -24.73
C TYR B 508 -27.73 7.78 -23.52
N VAL B 509 -27.92 8.52 -22.44
CA VAL B 509 -28.45 7.94 -21.22
C VAL B 509 -29.88 7.45 -21.45
N ALA B 510 -30.73 8.26 -22.11
CA ALA B 510 -32.09 7.87 -22.41
C ALA B 510 -32.12 6.69 -23.33
N LEU B 511 -31.19 6.59 -24.26
CA LEU B 511 -31.17 5.44 -25.13
C LEU B 511 -30.99 4.21 -24.29
N LYS B 512 -30.05 4.26 -23.38
CA LYS B 512 -29.82 3.15 -22.52
C LYS B 512 -30.98 2.87 -21.56
N PHE B 513 -31.65 3.88 -20.99
CA PHE B 513 -32.74 3.47 -20.11
C PHE B 513 -34.05 3.15 -20.82
N PHE B 514 -34.27 3.67 -22.01
CA PHE B 514 -35.47 3.31 -22.73
C PHE B 514 -35.31 2.07 -23.61
N ILE B 515 -34.31 2.02 -24.49
CA ILE B 515 -34.18 0.85 -25.34
C ILE B 515 -33.38 -0.20 -24.64
N GLY B 516 -32.32 0.22 -23.99
CA GLY B 516 -31.48 -0.74 -23.28
C GLY B 516 -32.32 -1.50 -22.29
N TYR B 517 -32.99 -0.79 -21.38
CA TYR B 517 -33.83 -1.47 -20.40
C TYR B 517 -35.03 -2.08 -21.07
N GLY B 518 -35.51 -1.52 -22.16
CA GLY B 518 -36.65 -2.09 -22.84
C GLY B 518 -36.30 -3.52 -23.24
N LEU B 519 -35.13 -3.72 -23.86
CA LEU B 519 -34.65 -5.02 -24.29
C LEU B 519 -34.28 -5.90 -23.11
N GLU B 520 -33.74 -5.31 -22.06
CA GLU B 520 -33.36 -6.10 -20.90
C GLU B 520 -34.58 -6.70 -20.24
N LEU B 521 -35.67 -5.95 -20.17
CA LEU B 521 -36.86 -6.46 -19.52
C LEU B 521 -37.65 -7.39 -20.46
N SER B 522 -37.83 -6.98 -21.72
CA SER B 522 -38.61 -7.77 -22.67
C SER B 522 -37.88 -8.98 -23.22
N ARG B 523 -36.56 -9.02 -23.17
CA ARG B 523 -35.81 -10.18 -23.62
C ARG B 523 -36.19 -10.67 -25.00
N ILE B 524 -36.37 -9.74 -25.93
CA ILE B 524 -36.76 -10.12 -27.26
C ILE B 524 -35.67 -10.84 -27.98
N ILE B 525 -34.45 -10.40 -27.87
CA ILE B 525 -33.42 -11.09 -28.61
C ILE B 525 -33.23 -12.52 -28.13
N PRO B 526 -33.02 -12.81 -26.83
CA PRO B 526 -32.95 -14.14 -26.30
C PRO B 526 -34.16 -14.98 -26.63
N LEU B 527 -35.35 -14.36 -26.71
CA LEU B 527 -36.55 -15.10 -27.02
C LEU B 527 -36.56 -15.61 -28.44
N ILE B 528 -36.15 -14.76 -29.37
CA ILE B 528 -36.12 -15.17 -30.75
C ILE B 528 -35.11 -16.26 -30.97
N ILE B 529 -33.92 -16.09 -30.40
CA ILE B 529 -32.89 -17.09 -30.60
C ILE B 529 -33.32 -18.40 -30.00
N PHE B 530 -33.86 -18.36 -28.80
CA PHE B 530 -34.31 -19.55 -28.14
C PHE B 530 -35.33 -20.32 -28.93
N HIS B 531 -36.37 -19.66 -29.43
CA HIS B 531 -37.36 -20.43 -30.15
C HIS B 531 -36.80 -20.98 -31.45
N LEU B 532 -35.91 -20.25 -32.12
CA LEU B 532 -35.34 -20.82 -33.34
C LEU B 532 -34.51 -22.04 -33.02
N LYS B 533 -33.74 -22.02 -31.93
CA LYS B 533 -32.98 -23.22 -31.63
C LYS B 533 -33.90 -24.35 -31.27
N LYS B 534 -34.92 -24.09 -30.47
CA LYS B 534 -35.82 -25.15 -30.05
C LYS B 534 -36.48 -25.84 -31.23
N LYS B 535 -36.89 -25.07 -32.23
CA LYS B 535 -37.53 -25.62 -33.42
C LYS B 535 -36.62 -26.26 -34.45
N TYR B 536 -35.45 -25.67 -34.72
CA TYR B 536 -34.60 -26.20 -35.77
C TYR B 536 -33.34 -26.96 -35.38
N LEU B 537 -32.74 -26.68 -34.23
CA LEU B 537 -31.47 -27.29 -33.91
C LEU B 537 -31.49 -28.24 -32.75
N CYS B 538 -32.27 -27.95 -31.72
CA CYS B 538 -32.26 -28.79 -30.54
C CYS B 538 -33.00 -30.07 -30.82
N LYS B 539 -32.40 -31.20 -30.45
CA LYS B 539 -33.03 -32.50 -30.67
C LYS B 539 -33.46 -33.17 -29.37
N THR B 540 -32.81 -32.83 -28.27
CA THR B 540 -33.06 -33.45 -26.98
C THR B 540 -33.45 -32.39 -25.98
N GLU B 541 -33.98 -32.84 -24.85
CA GLU B 541 -34.39 -31.92 -23.80
C GLU B 541 -33.21 -31.16 -23.23
N ALA B 542 -32.07 -31.81 -23.13
CA ALA B 542 -30.90 -31.15 -22.59
C ALA B 542 -30.48 -30.00 -23.48
N GLU B 543 -30.56 -30.18 -24.79
CA GLU B 543 -30.19 -29.13 -25.70
C GLU B 543 -31.15 -27.96 -25.60
N VAL B 544 -32.42 -28.27 -25.41
CA VAL B 544 -33.39 -27.20 -25.28
C VAL B 544 -33.09 -26.41 -24.02
N LYS B 545 -32.78 -27.07 -22.90
CA LYS B 545 -32.45 -26.30 -21.71
C LYS B 545 -31.20 -25.48 -21.87
N GLU B 546 -30.18 -25.99 -22.56
CA GLU B 546 -28.96 -25.19 -22.73
C GLU B 546 -29.30 -23.92 -23.48
N ALA B 547 -30.19 -24.01 -24.44
CA ALA B 547 -30.59 -22.88 -25.24
C ALA B 547 -31.15 -21.73 -24.41
N TRP B 548 -31.77 -21.98 -23.25
CA TRP B 548 -32.30 -20.86 -22.48
C TRP B 548 -31.54 -20.52 -21.21
N TYR B 549 -30.40 -21.16 -20.96
CA TYR B 549 -29.77 -20.88 -19.67
C TYR B 549 -29.48 -19.38 -19.61
N PRO B 550 -30.00 -18.63 -18.64
CA PRO B 550 -29.95 -17.18 -18.60
C PRO B 550 -28.60 -16.51 -18.42
N GLY B 551 -27.64 -17.18 -17.85
CA GLY B 551 -26.37 -16.53 -17.60
C GLY B 551 -26.49 -15.74 -16.31
N ASP B 552 -25.43 -15.02 -15.96
CA ASP B 552 -25.34 -14.20 -14.75
C ASP B 552 -25.59 -12.74 -15.06
N LEU B 553 -25.32 -11.87 -14.11
CA LEU B 553 -25.54 -10.44 -14.30
C LEU B 553 -24.44 -9.75 -15.08
N SER B 554 -23.44 -10.45 -15.57
CA SER B 554 -22.41 -9.80 -16.36
C SER B 554 -21.84 -8.58 -15.70
N TYR B 555 -21.28 -8.72 -14.51
CA TYR B 555 -20.79 -7.53 -13.83
C TYR B 555 -19.69 -6.87 -14.63
N ALA B 556 -18.98 -7.66 -15.41
CA ALA B 556 -17.90 -7.19 -16.28
C ALA B 556 -18.36 -6.15 -17.28
N THR B 557 -19.64 -6.17 -17.70
CA THR B 557 -20.05 -5.15 -18.65
C THR B 557 -21.06 -4.19 -18.00
N ARG B 558 -21.76 -4.68 -16.99
CA ARG B 558 -22.82 -3.94 -16.35
C ARG B 558 -22.32 -2.89 -15.39
N VAL B 559 -21.31 -3.21 -14.57
CA VAL B 559 -20.86 -2.22 -13.66
C VAL B 559 -20.19 -1.11 -14.42
N PRO B 560 -19.23 -1.35 -15.34
CA PRO B 560 -18.63 -0.33 -16.15
C PRO B 560 -19.64 0.54 -16.86
N GLY B 561 -20.75 -0.04 -17.31
CA GLY B 561 -21.78 0.73 -17.96
C GLY B 561 -22.34 1.78 -17.00
N ASP B 562 -22.73 1.34 -15.81
CA ASP B 562 -23.29 2.25 -14.83
C ASP B 562 -22.26 3.27 -14.37
N MET B 563 -20.99 2.88 -14.31
CA MET B 563 -19.95 3.81 -13.92
C MET B 563 -19.80 4.92 -14.94
N LEU B 564 -20.03 4.63 -16.20
CA LEU B 564 -19.94 5.65 -17.20
C LEU B 564 -21.06 6.66 -17.03
N ILE B 565 -22.26 6.17 -16.72
CA ILE B 565 -23.39 7.06 -16.55
C ILE B 565 -23.09 7.99 -15.37
N LEU B 566 -22.53 7.45 -14.28
CA LEU B 566 -22.19 8.29 -13.15
C LEU B 566 -21.15 9.29 -13.46
N THR B 567 -20.14 8.92 -14.21
CA THR B 567 -19.10 9.87 -14.46
C THR B 567 -19.67 11.08 -15.13
N ILE B 568 -20.54 10.86 -16.11
CA ILE B 568 -21.10 11.99 -16.84
C ILE B 568 -22.09 12.79 -16.00
N THR B 569 -22.97 12.09 -15.28
CA THR B 569 -24.00 12.77 -14.51
C THR B 569 -23.36 13.60 -13.42
N PHE B 570 -22.32 13.08 -12.76
CA PHE B 570 -21.69 13.90 -11.75
C PHE B 570 -20.98 15.05 -12.38
N CYS B 571 -20.23 14.82 -13.44
CA CYS B 571 -19.44 15.90 -13.99
C CYS B 571 -20.23 17.09 -14.51
N TYR B 572 -21.44 16.85 -15.04
CA TYR B 572 -22.29 17.93 -15.55
C TYR B 572 -23.43 18.32 -14.62
N SER B 573 -23.45 17.83 -13.39
CA SER B 573 -24.60 18.07 -12.50
C SER B 573 -24.88 19.53 -12.18
N VAL B 574 -23.88 20.40 -12.25
CA VAL B 574 -24.07 21.82 -12.02
C VAL B 574 -23.64 22.65 -13.22
N ILE B 575 -23.36 21.99 -14.33
CA ILE B 575 -22.96 22.66 -15.57
C ILE B 575 -24.14 22.65 -16.52
N ALA B 576 -24.77 21.49 -16.61
CA ALA B 576 -25.92 21.28 -17.43
C ALA B 576 -26.91 20.44 -16.64
N PRO B 577 -27.56 21.01 -15.61
CA PRO B 577 -28.32 20.37 -14.53
C PRO B 577 -29.46 19.44 -14.93
N LEU B 578 -29.97 19.54 -16.13
CA LEU B 578 -31.08 18.65 -16.51
C LEU B 578 -30.62 17.21 -16.53
N ILE B 579 -29.33 17.02 -16.68
CA ILE B 579 -28.74 15.71 -16.74
C ILE B 579 -28.97 14.96 -15.47
N LEU B 580 -29.19 15.68 -14.41
CA LEU B 580 -29.42 15.11 -13.13
C LEU B 580 -30.72 14.34 -13.14
N ILE B 581 -31.75 14.84 -13.85
CA ILE B 581 -33.05 14.18 -13.89
C ILE B 581 -32.92 12.90 -14.66
N PHE B 582 -32.15 12.96 -15.74
CA PHE B 582 -31.90 11.77 -16.53
C PHE B 582 -31.14 10.76 -15.71
N GLY B 583 -30.18 11.22 -14.90
CA GLY B 583 -29.44 10.35 -14.01
C GLY B 583 -30.38 9.72 -13.01
N ILE B 584 -31.34 10.47 -12.50
CA ILE B 584 -32.32 9.94 -11.55
C ILE B 584 -33.14 8.87 -12.22
N THR B 585 -33.62 9.12 -13.43
CA THR B 585 -34.41 8.13 -14.11
C THR B 585 -33.56 6.91 -14.44
N TYR B 586 -32.35 7.10 -14.92
CA TYR B 586 -31.54 5.95 -15.28
C TYR B 586 -31.39 5.02 -14.10
N PHE B 587 -31.01 5.57 -12.95
CA PHE B 587 -30.77 4.75 -11.77
C PHE B 587 -32.06 4.27 -11.12
N GLY B 588 -33.09 5.09 -11.10
CA GLY B 588 -34.38 4.72 -10.53
C GLY B 588 -35.09 3.66 -11.35
N LEU B 589 -35.12 3.83 -12.65
CA LEU B 589 -35.75 2.88 -13.52
C LEU B 589 -34.90 1.64 -13.53
N GLY B 590 -33.58 1.78 -13.56
CA GLY B 590 -32.71 0.63 -13.53
C GLY B 590 -32.94 -0.14 -12.27
N TRP B 591 -33.18 0.54 -11.17
CA TRP B 591 -33.43 -0.17 -9.95
C TRP B 591 -34.64 -1.06 -10.16
N LEU B 592 -35.72 -0.53 -10.72
CA LEU B 592 -36.94 -1.32 -10.91
C LEU B 592 -36.83 -2.45 -11.94
N VAL B 593 -36.18 -2.16 -13.07
CA VAL B 593 -36.02 -3.12 -14.14
C VAL B 593 -35.10 -4.23 -13.72
N LEU B 594 -33.99 -3.86 -13.09
CA LEU B 594 -33.06 -4.84 -12.67
C LEU B 594 -33.54 -5.50 -11.43
N ARG B 595 -34.40 -4.87 -10.64
CA ARG B 595 -34.90 -5.60 -9.51
C ARG B 595 -35.73 -6.74 -10.03
N ASN B 596 -36.50 -6.51 -11.09
CA ASN B 596 -37.26 -7.61 -11.64
C ASN B 596 -36.34 -8.69 -12.23
N GLN B 597 -35.28 -8.30 -12.94
CA GLN B 597 -34.36 -9.28 -13.53
C GLN B 597 -33.58 -10.06 -12.48
N ALA B 598 -33.21 -9.39 -11.40
CA ALA B 598 -32.47 -10.01 -10.32
C ALA B 598 -33.30 -11.07 -9.65
N LEU B 599 -34.61 -10.88 -9.58
CA LEU B 599 -35.46 -11.85 -8.92
C LEU B 599 -35.96 -12.95 -9.86
N LYS B 600 -36.20 -12.64 -11.12
CA LYS B 600 -36.78 -13.59 -12.04
C LYS B 600 -35.90 -14.16 -13.14
N VAL B 601 -34.81 -13.50 -13.52
CA VAL B 601 -34.06 -13.94 -14.68
C VAL B 601 -32.64 -14.43 -14.49
N TYR B 602 -31.79 -13.66 -13.82
CA TYR B 602 -30.38 -14.03 -13.82
C TYR B 602 -29.93 -14.94 -12.72
N VAL B 603 -28.94 -15.78 -13.06
CA VAL B 603 -28.37 -16.73 -12.13
C VAL B 603 -26.88 -16.48 -11.86
N PRO B 604 -26.46 -16.20 -10.63
CA PRO B 604 -25.07 -15.94 -10.25
C PRO B 604 -24.14 -17.07 -10.64
N SER B 605 -22.93 -16.71 -11.08
CA SER B 605 -21.89 -17.64 -11.50
C SER B 605 -20.76 -17.82 -10.49
N TYR B 606 -20.62 -16.87 -9.59
CA TYR B 606 -19.62 -16.87 -8.54
C TYR B 606 -20.15 -15.99 -7.44
N GLU B 607 -19.64 -16.12 -6.22
CA GLU B 607 -20.04 -15.19 -5.15
C GLU B 607 -18.84 -14.48 -4.54
N SER B 608 -18.70 -13.18 -4.76
CA SER B 608 -17.54 -12.49 -4.22
C SER B 608 -17.84 -11.83 -2.88
N TYR B 609 -19.06 -11.97 -2.37
CA TYR B 609 -19.47 -11.41 -1.10
C TYR B 609 -19.28 -9.94 -0.94
N GLY B 610 -19.56 -9.18 -1.97
CA GLY B 610 -19.45 -7.77 -1.82
C GLY B 610 -18.07 -7.24 -2.01
N ARG B 611 -17.14 -8.07 -2.47
CA ARG B 611 -15.77 -7.62 -2.68
C ARG B 611 -15.70 -6.55 -3.73
N MET B 612 -16.76 -6.45 -4.53
CA MET B 612 -16.89 -5.46 -5.56
C MET B 612 -17.13 -4.09 -4.96
N TRP B 613 -17.71 -4.00 -3.77
CA TRP B 613 -18.06 -2.70 -3.23
C TRP B 613 -16.91 -1.69 -3.16
N PRO B 614 -15.72 -1.97 -2.61
CA PRO B 614 -14.62 -1.04 -2.58
C PRO B 614 -14.20 -0.55 -3.96
N HIS B 615 -14.50 -1.32 -5.00
CA HIS B 615 -14.16 -0.95 -6.36
C HIS B 615 -15.10 0.18 -6.68
N ILE B 616 -16.36 -0.07 -6.39
CA ILE B 616 -17.43 0.86 -6.65
C ILE B 616 -17.30 2.11 -5.83
N HIS B 617 -16.97 1.99 -4.56
CA HIS B 617 -16.81 3.11 -3.70
C HIS B 617 -15.72 3.99 -4.20
N GLN B 618 -14.58 3.41 -4.56
CA GLN B 618 -13.48 4.19 -5.00
C GLN B 618 -13.77 4.88 -6.32
N ARG B 619 -14.52 4.23 -7.21
CA ARG B 619 -14.85 4.85 -8.47
C ARG B 619 -15.92 5.94 -8.33
N ILE B 620 -16.88 5.79 -7.42
CA ILE B 620 -17.87 6.86 -7.22
C ILE B 620 -17.14 8.04 -6.63
N LEU B 621 -16.27 7.80 -5.66
CA LEU B 621 -15.53 8.87 -5.07
C LEU B 621 -14.60 9.49 -6.11
N ALA B 622 -14.01 8.68 -7.00
CA ALA B 622 -13.17 9.22 -8.07
C ALA B 622 -14.00 10.10 -8.98
N ALA B 623 -15.26 9.72 -9.25
CA ALA B 623 -16.14 10.53 -10.07
C ALA B 623 -16.44 11.86 -9.36
N LEU B 624 -16.60 11.82 -8.04
CA LEU B 624 -16.85 13.04 -7.29
C LEU B 624 -15.61 13.89 -7.35
N PHE B 625 -14.45 13.27 -7.23
CA PHE B 625 -13.18 13.95 -7.27
C PHE B 625 -13.05 14.65 -8.60
N LEU B 626 -13.35 13.95 -9.69
CA LEU B 626 -13.26 14.52 -11.01
C LEU B 626 -14.23 15.67 -11.11
N PHE B 627 -15.43 15.55 -10.56
CA PHE B 627 -16.41 16.62 -10.54
C PHE B 627 -15.87 17.84 -9.86
N GLN B 628 -15.27 17.66 -8.69
CA GLN B 628 -14.72 18.76 -7.92
C GLN B 628 -13.59 19.43 -8.68
N VAL B 629 -12.76 18.64 -9.36
CA VAL B 629 -11.69 19.19 -10.16
C VAL B 629 -12.26 19.95 -11.34
N VAL B 630 -13.28 19.40 -11.98
CA VAL B 630 -13.93 20.03 -13.11
C VAL B 630 -14.59 21.33 -12.71
N MET B 631 -15.29 21.37 -11.58
CA MET B 631 -15.91 22.60 -11.14
C MET B 631 -14.90 23.58 -10.67
N PHE B 632 -13.79 23.13 -10.13
CA PHE B 632 -12.78 24.08 -9.77
C PHE B 632 -12.38 24.80 -11.07
N GLY B 633 -12.09 24.02 -12.10
CA GLY B 633 -11.70 24.58 -13.38
C GLY B 633 -12.80 25.38 -14.09
N TYR B 634 -14.06 24.91 -14.04
CA TYR B 634 -15.19 25.56 -14.73
C TYR B 634 -15.55 26.87 -14.07
N LEU B 635 -15.56 26.90 -12.75
CA LEU B 635 -15.83 28.12 -12.09
C LEU B 635 -14.72 29.06 -12.48
N GLY B 636 -13.49 28.53 -12.61
CA GLY B 636 -12.36 29.34 -13.06
C GLY B 636 -12.58 29.84 -14.48
N ALA B 637 -13.16 29.02 -15.35
CA ALA B 637 -13.44 29.39 -16.72
C ALA B 637 -14.40 30.59 -16.80
N LYS B 638 -15.30 30.67 -15.83
CA LYS B 638 -16.27 31.74 -15.71
C LYS B 638 -15.72 32.89 -14.86
N THR B 639 -14.44 32.77 -14.50
CA THR B 639 -13.61 33.63 -13.68
C THR B 639 -14.29 34.03 -12.41
N PHE B 640 -14.72 33.01 -11.70
CA PHE B 640 -15.35 33.18 -10.43
C PHE B 640 -14.33 33.48 -9.35
N PHE B 641 -14.57 34.53 -8.59
CA PHE B 641 -13.60 34.94 -7.57
C PHE B 641 -13.24 33.85 -6.59
N TYR B 642 -14.22 33.09 -6.14
CA TYR B 642 -14.00 32.11 -5.11
C TYR B 642 -13.86 30.67 -5.59
N THR B 643 -13.19 30.43 -6.73
CA THR B 643 -13.01 29.04 -7.16
C THR B 643 -12.16 28.30 -6.16
N ALA B 644 -11.32 29.05 -5.49
CA ALA B 644 -10.40 28.58 -4.49
C ALA B 644 -11.09 27.84 -3.38
N LEU B 645 -12.37 28.13 -3.13
CA LEU B 645 -13.06 27.47 -2.03
C LEU B 645 -13.34 26.03 -2.34
N VAL B 646 -13.18 25.62 -3.59
CA VAL B 646 -13.38 24.25 -3.96
C VAL B 646 -12.12 23.45 -3.68
N ILE B 647 -10.94 24.08 -3.52
CA ILE B 647 -9.76 23.31 -3.23
C ILE B 647 -9.98 22.50 -1.97
N PRO B 648 -10.51 23.05 -0.87
CA PRO B 648 -10.90 22.31 0.29
C PRO B 648 -11.78 21.12 0.01
N LEU B 649 -12.62 21.13 -1.04
CA LEU B 649 -13.42 19.97 -1.30
C LEU B 649 -12.59 18.90 -1.94
N ILE B 650 -11.63 19.31 -2.76
CA ILE B 650 -10.75 18.38 -3.43
C ILE B 650 -9.91 17.68 -2.38
N ILE B 651 -9.43 18.46 -1.42
CA ILE B 651 -8.68 17.93 -0.30
C ILE B 651 -9.58 17.05 0.54
N THR B 652 -10.81 17.48 0.83
CA THR B 652 -11.71 16.67 1.61
C THR B 652 -11.94 15.35 0.94
N SER B 653 -12.13 15.32 -0.36
CA SER B 653 -12.36 14.07 -1.04
C SER B 653 -11.20 13.11 -0.84
N LEU B 654 -9.97 13.61 -0.95
CA LEU B 654 -8.81 12.73 -0.75
C LEU B 654 -8.71 12.25 0.69
N ILE B 655 -8.98 13.12 1.65
CA ILE B 655 -8.93 12.71 3.04
C ILE B 655 -10.04 11.75 3.34
N PHE B 656 -11.24 12.01 2.81
CA PHE B 656 -12.42 11.19 2.99
C PHE B 656 -12.11 9.82 2.51
N GLY B 657 -11.51 9.70 1.33
CA GLY B 657 -11.13 8.43 0.77
C GLY B 657 -10.19 7.71 1.70
N TYR B 658 -9.15 8.39 2.16
CA TYR B 658 -8.19 7.82 3.07
C TYR B 658 -8.84 7.32 4.34
N VAL B 659 -9.69 8.12 4.94
CA VAL B 659 -10.36 7.76 6.17
C VAL B 659 -11.29 6.58 5.96
N CYS B 660 -12.06 6.57 4.87
CA CYS B 660 -12.94 5.46 4.59
C CYS B 660 -12.14 4.21 4.36
N ARG B 661 -10.99 4.35 3.73
CA ARG B 661 -10.18 3.19 3.51
C ARG B 661 -9.69 2.65 4.84
N GLN B 662 -9.24 3.54 5.73
CA GLN B 662 -8.75 3.13 7.03
C GLN B 662 -9.82 2.52 7.90
N LYS B 663 -11.06 3.03 7.80
CA LYS B 663 -12.15 2.53 8.60
C LYS B 663 -12.84 1.28 8.08
N PHE B 664 -12.98 1.13 6.77
CA PHE B 664 -13.74 0.00 6.28
C PHE B 664 -13.01 -1.00 5.39
N TYR B 665 -12.02 -0.57 4.63
CA TYR B 665 -11.46 -1.37 3.54
C TYR B 665 -10.89 -2.72 3.86
N GLY B 666 -10.10 -2.84 4.89
CA GLY B 666 -9.49 -4.11 5.18
C GLY B 666 -10.50 -5.21 5.41
N GLY B 667 -11.73 -4.84 5.80
CA GLY B 667 -12.78 -5.79 6.11
C GLY B 667 -13.28 -6.48 4.87
N PHE B 668 -12.89 -5.97 3.72
CA PHE B 668 -13.25 -6.53 2.46
C PHE B 668 -12.19 -7.41 1.86
N GLU B 669 -10.96 -7.38 2.40
CA GLU B 669 -9.91 -8.18 1.81
C GLU B 669 -9.84 -9.52 2.45
N HIS B 670 -10.14 -9.57 3.73
CA HIS B 670 -10.03 -10.82 4.44
C HIS B 670 -11.21 -11.09 5.29
N THR B 671 -11.44 -12.34 5.58
CA THR B 671 -12.45 -12.68 6.54
C THR B 671 -11.79 -12.54 7.87
N ALA B 672 -12.41 -11.83 8.77
CA ALA B 672 -11.90 -11.58 10.08
C ALA B 672 -11.83 -12.82 10.86
N LEU B 673 -10.87 -12.93 11.75
CA LEU B 673 -10.79 -14.10 12.57
C LEU B 673 -12.03 -14.27 13.46
N GLU B 674 -12.65 -13.20 13.92
CA GLU B 674 -13.85 -13.36 14.72
C GLU B 674 -14.98 -14.05 13.92
N VAL B 675 -14.89 -14.03 12.57
CA VAL B 675 -15.86 -14.65 11.67
C VAL B 675 -15.37 -16.07 11.35
N ALA B 676 -14.08 -16.22 11.12
CA ALA B 676 -13.50 -17.50 10.81
C ALA B 676 -13.73 -18.46 11.95
N CYS B 677 -13.80 -17.92 13.16
CA CYS B 677 -13.98 -18.68 14.39
C CYS B 677 -15.41 -19.04 14.75
N ARG B 678 -16.34 -18.85 13.84
CA ARG B 678 -17.71 -19.23 14.08
C ARG B 678 -17.87 -20.70 14.32
N GLU B 679 -18.79 -21.01 15.22
CA GLU B 679 -19.11 -22.37 15.57
C GLU B 679 -19.54 -23.15 14.34
N LEU B 680 -18.99 -24.34 14.18
CA LEU B 680 -19.33 -25.19 13.06
C LEU B 680 -20.64 -25.88 13.26
N LYS B 681 -21.40 -25.99 12.17
CA LYS B 681 -22.62 -26.77 12.18
C LYS B 681 -22.27 -28.26 12.25
N GLN B 682 -21.19 -28.61 11.55
CA GLN B 682 -20.67 -29.97 11.49
C GLN B 682 -19.22 -29.89 11.06
N SER B 683 -18.45 -30.93 11.33
CA SER B 683 -17.08 -30.91 10.85
C SER B 683 -17.09 -30.96 9.32
N PRO B 684 -16.28 -30.15 8.61
CA PRO B 684 -16.07 -30.17 7.18
C PRO B 684 -15.45 -31.47 6.68
N ASP B 685 -15.81 -31.88 5.47
CA ASP B 685 -15.15 -33.01 4.85
C ASP B 685 -14.03 -32.49 4.01
N LEU B 686 -12.81 -32.64 4.47
CA LEU B 686 -11.70 -32.05 3.77
C LEU B 686 -11.43 -32.73 2.45
N GLU B 687 -11.88 -33.96 2.26
CA GLU B 687 -11.60 -34.63 1.00
C GLU B 687 -12.49 -34.04 -0.11
N GLU B 688 -13.72 -33.70 0.22
CA GLU B 688 -14.63 -33.10 -0.76
C GLU B 688 -14.09 -31.73 -1.08
N ILE B 689 -13.56 -31.07 -0.07
CA ILE B 689 -12.98 -29.78 -0.27
C ILE B 689 -11.83 -29.88 -1.23
N PHE B 690 -10.98 -30.90 -1.07
CA PHE B 690 -9.88 -31.10 -1.97
C PHE B 690 -10.35 -31.39 -3.41
N ARG B 691 -11.33 -32.27 -3.57
CA ARG B 691 -11.86 -32.65 -4.89
C ARG B 691 -12.42 -31.48 -5.66
N ALA B 692 -12.98 -30.53 -4.94
CA ALA B 692 -13.58 -29.35 -5.51
C ALA B 692 -12.62 -28.55 -6.35
N TYR B 693 -11.32 -28.70 -6.08
CA TYR B 693 -10.31 -27.97 -6.81
C TYR B 693 -9.59 -28.79 -7.85
N ILE B 694 -10.08 -29.97 -8.23
CA ILE B 694 -9.36 -30.70 -9.24
C ILE B 694 -10.10 -30.67 -10.58
N PRO B 695 -9.57 -30.00 -11.61
CA PRO B 695 -10.18 -29.87 -12.91
C PRO B 695 -10.00 -31.18 -13.68
N HIS B 696 -10.87 -31.46 -14.65
CA HIS B 696 -10.71 -32.64 -15.54
C HIS B 696 -10.52 -33.98 -14.83
N SER B 697 -11.35 -34.27 -13.80
CA SER B 697 -11.36 -35.50 -13.01
C SER B 697 -12.74 -35.60 -12.32
#